data_5SAB
#
_entry.id   5SAB
#
_cell.length_a   150.160
_cell.length_b   150.160
_cell.length_c   112.275
_cell.angle_alpha   90.000
_cell.angle_beta   90.000
_cell.angle_gamma   120.000
#
_symmetry.space_group_name_H-M   'P 63'
#
loop_
_entity.id
_entity.type
_entity.pdbx_description
1 polymer 'Uridylate-specific endoribonuclease'
2 non-polymer 'CITRIC ACID'
3 non-polymer 2-methoxy-N-phenylacetamide
4 water water
#
_entity_poly.entity_id   1
_entity_poly.type   'polypeptide(L)'
_entity_poly.pdbx_seq_one_letter_code
;GAMSLENVAFNVVNKGHFDGQQGEVPVSIINNTVYTKVDGVDVELFENKTTLPVNVAFELWAKRNIKPVPEVKILNNLGV
DIAANTVIWDYKRDAPAHISTIGVCSMTDIAKKPTETICAPLTVFFDGRVDGQVDLFRNARNGVLITEGSVKGLQPSVGP
KQASLNGVTLIGEAVKTQFNYYKKVDGVVQQLPETYFTQSRNLQEFKPRSQMEIDFLELAMDEFIERYKLEGYAFEHIVY
GDFSHSQLGGLHLLIGLAKRFKESPFELEDFIPMDSTVKNYFITDAQTGSSKCVCSVIDLLLDDFVEIIKSQDLSVVSKV
VKVTIDYTEISFMLWCKDGHVETFYPKLQ
;
_entity_poly.pdbx_strand_id   A,B
#
loop_
_chem_comp.id
_chem_comp.type
_chem_comp.name
_chem_comp.formula
CIT non-polymer 'CITRIC ACID' 'C6 H8 O7'
WJD non-polymer 2-methoxy-N-phenylacetamide 'C9 H11 N O2'
#
# COMPACT_ATOMS: atom_id res chain seq x y z
N ALA A 2 21.22 27.21 -11.26
CA ALA A 2 21.49 28.42 -12.04
C ALA A 2 20.33 28.71 -12.96
N MET A 3 19.15 28.97 -12.37
CA MET A 3 17.89 29.23 -13.07
C MET A 3 17.82 30.61 -13.74
N SER A 4 17.33 30.65 -14.97
CA SER A 4 17.16 31.91 -15.69
C SER A 4 15.97 31.88 -16.67
N LEU A 5 15.54 33.05 -17.14
CA LEU A 5 14.43 33.14 -18.07
C LEU A 5 14.83 32.47 -19.39
N GLU A 6 16.02 32.78 -19.88
CA GLU A 6 16.56 32.28 -21.12
C GLU A 6 16.88 30.76 -21.03
N ASN A 7 17.24 30.27 -19.83
CA ASN A 7 17.47 28.85 -19.66
C ASN A 7 16.13 28.12 -19.65
N VAL A 8 15.10 28.68 -18.99
CA VAL A 8 13.77 28.06 -19.00
C VAL A 8 13.25 27.96 -20.44
N ALA A 9 13.42 29.06 -21.20
CA ALA A 9 13.02 29.20 -22.59
C ALA A 9 13.75 28.21 -23.49
N PHE A 10 15.06 28.00 -23.23
CA PHE A 10 15.87 27.05 -23.99
C PHE A 10 15.30 25.64 -23.79
N ASN A 11 14.98 25.29 -22.55
CA ASN A 11 14.39 24.00 -22.23
C ASN A 11 13.03 23.81 -22.91
N VAL A 12 12.18 24.85 -22.94
CA VAL A 12 10.89 24.74 -23.59
C VAL A 12 11.07 24.49 -25.08
N VAL A 13 11.98 25.24 -25.73
CA VAL A 13 12.26 25.16 -27.16
C VAL A 13 12.87 23.82 -27.57
N ASN A 14 13.82 23.30 -26.78
CA ASN A 14 14.53 22.07 -27.12
C ASN A 14 13.99 20.77 -26.52
N LYS A 15 13.33 20.81 -25.36
CA LYS A 15 12.83 19.60 -24.69
C LYS A 15 11.31 19.51 -24.57
N GLY A 16 10.58 20.59 -24.89
CA GLY A 16 9.13 20.58 -24.76
C GLY A 16 8.63 21.06 -23.41
N HIS A 17 9.52 21.10 -22.43
CA HIS A 17 9.27 21.51 -21.06
C HIS A 17 10.63 21.70 -20.37
N PHE A 18 10.63 22.16 -19.10
CA PHE A 18 11.86 22.33 -18.36
C PHE A 18 12.40 20.95 -17.97
N ASP A 19 13.51 20.55 -18.58
CA ASP A 19 14.16 19.27 -18.34
C ASP A 19 15.57 19.43 -17.68
N GLY A 20 15.83 20.60 -17.10
CA GLY A 20 17.10 20.88 -16.43
C GLY A 20 18.34 20.88 -17.30
N GLN A 21 18.17 21.03 -18.61
CA GLN A 21 19.27 21.06 -19.57
C GLN A 21 19.92 22.44 -19.59
N GLN A 22 21.21 22.51 -19.85
CA GLN A 22 21.93 23.77 -19.89
C GLN A 22 21.79 24.44 -21.24
N GLY A 23 21.69 25.76 -21.21
CA GLY A 23 21.62 26.53 -22.45
C GLY A 23 20.67 27.70 -22.36
N GLU A 24 20.84 28.67 -23.26
CA GLU A 24 20.00 29.87 -23.29
C GLU A 24 19.61 30.19 -24.71
N VAL A 25 18.38 30.66 -24.93
CA VAL A 25 17.84 31.19 -26.21
C VAL A 25 17.46 32.65 -25.96
N PRO A 26 17.43 33.54 -26.99
CA PRO A 26 17.06 34.93 -26.73
C PRO A 26 15.56 35.03 -26.47
N VAL A 27 15.18 35.77 -25.44
CA VAL A 27 13.78 35.93 -25.08
C VAL A 27 13.40 37.39 -25.10
N SER A 28 12.15 37.66 -25.44
CA SER A 28 11.55 38.97 -25.36
C SER A 28 10.16 38.82 -24.71
N ILE A 29 9.84 39.75 -23.82
CA ILE A 29 8.58 39.73 -23.11
C ILE A 29 7.83 40.98 -23.48
N ILE A 30 6.68 40.80 -24.12
CA ILE A 30 5.84 41.91 -24.52
C ILE A 30 4.50 41.59 -23.96
N ASN A 31 3.92 42.47 -23.15
N ASN A 31 4.14 42.43 -22.98
CA ASN A 31 2.54 42.35 -22.65
CA ASN A 31 2.96 42.40 -22.13
C ASN A 31 1.89 40.92 -22.61
C ASN A 31 3.04 41.17 -21.22
N ASN A 32 2.20 40.20 -21.53
CA ASN A 32 1.89 38.89 -21.03
C ASN A 32 2.25 37.75 -21.95
N THR A 33 3.09 38.00 -22.97
CA THR A 33 3.48 36.93 -23.88
C THR A 33 4.99 36.76 -23.86
N VAL A 34 5.44 35.50 -23.89
CA VAL A 34 6.86 35.20 -23.93
C VAL A 34 7.20 34.76 -25.34
N TYR A 35 8.14 35.46 -25.98
CA TYR A 35 8.57 35.17 -27.32
C TYR A 35 10.03 34.78 -27.36
N THR A 36 10.42 34.09 -28.41
CA THR A 36 11.82 33.74 -28.63
C THR A 36 12.18 34.07 -30.07
N LYS A 37 13.46 34.39 -30.33
CA LYS A 37 13.88 34.70 -31.69
C LYS A 37 14.30 33.41 -32.38
N VAL A 38 13.54 32.99 -33.40
CA VAL A 38 13.83 31.80 -34.20
C VAL A 38 14.04 32.27 -35.61
N ASP A 39 15.30 32.31 -36.02
CA ASP A 39 15.66 32.71 -37.35
C ASP A 39 15.18 34.11 -37.71
N GLY A 40 15.58 35.08 -36.89
CA GLY A 40 15.27 36.49 -37.15
C GLY A 40 13.91 36.97 -36.68
N VAL A 41 12.90 36.09 -36.66
CA VAL A 41 11.55 36.50 -36.23
C VAL A 41 11.18 35.95 -34.86
N ASP A 42 10.23 36.61 -34.17
CA ASP A 42 9.76 36.22 -32.85
C ASP A 42 8.64 35.21 -32.92
N VAL A 43 8.76 34.11 -32.19
CA VAL A 43 7.74 33.07 -32.12
C VAL A 43 7.21 33.04 -30.70
N GLU A 44 5.89 33.00 -30.55
CA GLU A 44 5.27 32.97 -29.22
C GLU A 44 5.45 31.60 -28.57
N LEU A 45 5.97 31.58 -27.35
CA LEU A 45 6.23 30.37 -26.58
C LEU A 45 5.20 30.12 -25.49
N PHE A 46 4.61 31.21 -24.94
CA PHE A 46 3.68 31.14 -23.83
C PHE A 46 2.81 32.40 -23.68
N GLU A 47 1.51 32.22 -23.39
CA GLU A 47 0.60 33.34 -23.16
C GLU A 47 0.16 33.27 -21.73
N ASN A 48 0.50 34.30 -20.94
CA ASN A 48 0.15 34.30 -19.53
C ASN A 48 -1.33 34.51 -19.29
N LYS A 49 -2.02 33.47 -18.87
CA LYS A 49 -3.44 33.55 -18.52
C LYS A 49 -3.63 33.57 -16.95
N THR A 50 -2.50 33.63 -16.17
CA THR A 50 -2.45 33.64 -14.71
C THR A 50 -2.47 35.06 -14.12
N THR A 51 -2.61 35.17 -12.79
CA THR A 51 -2.52 36.44 -12.08
C THR A 51 -1.07 36.71 -11.57
N LEU A 52 -0.10 35.89 -12.02
CA LEU A 52 1.31 35.99 -11.66
C LEU A 52 2.07 36.76 -12.74
N PRO A 53 3.26 37.32 -12.43
CA PRO A 53 4.07 37.95 -13.49
C PRO A 53 4.38 36.94 -14.61
N VAL A 54 4.37 37.38 -15.87
CA VAL A 54 4.51 36.57 -17.07
C VAL A 54 5.67 35.59 -17.01
N ASN A 55 6.88 36.07 -16.70
CA ASN A 55 8.09 35.28 -16.61
C ASN A 55 8.01 34.25 -15.51
N VAL A 56 7.32 34.59 -14.41
CA VAL A 56 7.13 33.71 -13.28
C VAL A 56 6.19 32.60 -13.70
N ALA A 57 5.05 32.94 -14.33
CA ALA A 57 4.10 31.92 -14.79
C ALA A 57 4.72 31.02 -15.83
N PHE A 58 5.61 31.57 -16.68
CA PHE A 58 6.27 30.86 -17.75
C PHE A 58 7.11 29.74 -17.15
N GLU A 59 7.90 30.07 -16.12
CA GLU A 59 8.75 29.12 -15.40
C GLU A 59 7.92 28.00 -14.76
N LEU A 60 6.83 28.34 -14.08
CA LEU A 60 5.98 27.34 -13.46
C LEU A 60 5.33 26.46 -14.50
N TRP A 61 4.91 27.03 -15.63
CA TRP A 61 4.31 26.24 -16.70
C TRP A 61 5.37 25.28 -17.27
N ALA A 62 6.59 25.78 -17.50
CA ALA A 62 7.68 24.96 -17.98
C ALA A 62 8.02 23.85 -17.00
N LYS A 63 7.94 24.13 -15.69
CA LYS A 63 8.26 23.16 -14.66
C LYS A 63 7.06 22.32 -14.20
N ARG A 64 6.00 22.26 -15.03
CA ARG A 64 4.80 21.51 -14.73
C ARG A 64 5.09 20.01 -14.70
N ASN A 65 4.35 19.30 -13.85
CA ASN A 65 4.46 17.86 -13.71
C ASN A 65 3.85 17.21 -14.96
N ILE A 66 4.71 16.52 -15.73
CA ILE A 66 4.34 15.85 -16.99
C ILE A 66 4.12 14.33 -16.81
N LYS A 67 3.80 13.90 -15.58
CA LYS A 67 3.47 12.51 -15.26
C LYS A 67 1.99 12.52 -14.95
N PRO A 68 1.25 11.38 -15.07
CA PRO A 68 -0.19 11.43 -14.72
C PRO A 68 -0.36 11.87 -13.28
N VAL A 69 -1.11 12.93 -13.01
CA VAL A 69 -1.27 13.42 -11.64
C VAL A 69 -2.75 13.43 -11.25
N PRO A 70 -3.09 13.44 -9.95
CA PRO A 70 -4.51 13.60 -9.57
C PRO A 70 -5.14 14.85 -10.23
N GLU A 71 -6.44 14.81 -10.54
CA GLU A 71 -7.12 15.95 -11.10
C GLU A 71 -7.27 17.02 -10.02
N VAL A 72 -7.18 18.29 -10.39
CA VAL A 72 -7.22 19.40 -9.43
C VAL A 72 -8.41 19.31 -8.47
N LYS A 73 -9.61 18.92 -8.93
CA LYS A 73 -10.75 18.69 -8.04
C LYS A 73 -10.44 17.73 -6.89
N ILE A 74 -9.78 16.58 -7.14
CA ILE A 74 -9.41 15.63 -6.08
C ILE A 74 -8.46 16.33 -5.09
N LEU A 75 -7.41 17.00 -5.60
CA LEU A 75 -6.44 17.73 -4.79
C LEU A 75 -7.08 18.81 -3.94
N ASN A 76 -8.07 19.49 -4.46
CA ASN A 76 -8.77 20.54 -3.73
C ASN A 76 -9.67 19.91 -2.68
N ASN A 77 -10.41 18.86 -3.06
CA ASN A 77 -11.31 18.13 -2.17
C ASN A 77 -10.59 17.54 -0.99
N LEU A 78 -9.30 17.19 -1.17
CA LEU A 78 -8.45 16.66 -0.11
C LEU A 78 -7.67 17.73 0.64
N GLY A 79 -7.96 19.00 0.44
CA GLY A 79 -7.34 20.12 1.14
C GLY A 79 -5.91 20.45 0.84
N VAL A 80 -5.39 20.07 -0.36
CA VAL A 80 -4.01 20.32 -0.77
C VAL A 80 -3.75 21.80 -0.99
N ASP A 81 -2.71 22.34 -0.35
CA ASP A 81 -2.33 23.74 -0.40
C ASP A 81 -1.14 24.01 -1.29
N ILE A 82 -0.19 23.08 -1.30
CA ILE A 82 1.07 23.23 -2.02
C ILE A 82 1.59 21.85 -2.46
N ALA A 83 2.45 21.79 -3.49
CA ALA A 83 3.02 20.51 -3.92
C ALA A 83 4.49 20.44 -3.51
N ALA A 84 5.01 19.23 -3.26
CA ALA A 84 6.41 19.06 -2.88
C ALA A 84 7.28 18.95 -4.10
N ASN A 85 8.08 19.99 -4.39
CA ASN A 85 9.08 20.02 -5.46
C ASN A 85 8.55 19.69 -6.86
N THR A 86 7.35 20.15 -7.17
CA THR A 86 6.72 20.02 -8.49
C THR A 86 5.67 21.14 -8.66
N VAL A 87 5.13 21.29 -9.88
CA VAL A 87 4.06 22.22 -10.15
C VAL A 87 2.91 21.45 -10.75
N ILE A 88 1.77 21.40 -10.06
CA ILE A 88 0.57 20.79 -10.62
C ILE A 88 -0.05 21.91 -11.42
N TRP A 89 -0.13 21.69 -12.73
CA TRP A 89 -0.70 22.69 -13.61
C TRP A 89 -2.18 22.47 -13.76
N ASP A 90 -2.92 23.55 -13.59
CA ASP A 90 -4.36 23.52 -13.71
C ASP A 90 -4.69 23.90 -15.14
N TYR A 91 -4.98 22.92 -15.99
CA TYR A 91 -5.28 23.17 -17.41
C TYR A 91 -6.68 23.76 -17.63
N LYS A 92 -7.60 23.53 -16.69
CA LYS A 92 -8.94 24.11 -16.77
C LYS A 92 -8.86 25.65 -16.53
N ARG A 93 -7.84 26.11 -15.76
CA ARG A 93 -7.64 27.52 -15.46
C ARG A 93 -6.39 28.11 -16.13
N ASP A 94 -5.57 27.31 -16.85
CA ASP A 94 -4.30 27.76 -17.45
C ASP A 94 -3.44 28.53 -16.44
N ALA A 95 -3.29 27.94 -15.25
CA ALA A 95 -2.55 28.53 -14.15
C ALA A 95 -2.12 27.45 -13.18
N PRO A 96 -1.11 27.73 -12.35
CA PRO A 96 -0.69 26.71 -11.38
C PRO A 96 -1.84 26.40 -10.42
N ALA A 97 -2.02 25.12 -10.07
CA ALA A 97 -3.11 24.74 -9.18
C ALA A 97 -2.97 25.37 -7.79
N HIS A 98 -1.72 25.69 -7.37
CA HIS A 98 -1.41 26.21 -6.05
C HIS A 98 -0.58 27.51 -6.15
N ILE A 99 -0.80 28.46 -5.21
CA ILE A 99 -0.14 29.78 -5.21
C ILE A 99 1.37 29.76 -5.11
N SER A 100 1.90 29.05 -4.10
CA SER A 100 3.32 28.97 -3.81
C SER A 100 3.89 27.61 -4.23
N THR A 101 5.21 27.52 -4.30
CA THR A 101 5.91 26.30 -4.63
C THR A 101 6.94 25.95 -3.51
N ILE A 102 7.44 24.71 -3.54
CA ILE A 102 8.48 24.21 -2.67
C ILE A 102 9.56 23.68 -3.60
N GLY A 103 10.69 24.36 -3.66
CA GLY A 103 11.82 23.97 -4.50
C GLY A 103 11.61 23.98 -6.00
N VAL A 104 10.84 24.93 -6.51
CA VAL A 104 10.58 25.01 -7.95
C VAL A 104 11.03 26.34 -8.56
N CYS A 105 10.51 27.46 -8.10
CA CYS A 105 10.79 28.77 -8.66
C CYS A 105 11.24 29.70 -7.56
N SER A 106 12.29 30.50 -7.78
CA SER A 106 12.76 31.42 -6.73
C SER A 106 11.72 32.47 -6.32
N MET A 107 10.83 32.84 -7.25
CA MET A 107 9.82 33.84 -7.01
C MET A 107 8.63 33.32 -6.18
N THR A 108 8.22 32.08 -6.43
CA THR A 108 7.06 31.53 -5.76
C THR A 108 7.37 30.62 -4.58
N ASP A 109 8.65 30.24 -4.40
CA ASP A 109 9.06 29.34 -3.32
C ASP A 109 8.87 29.93 -1.97
N ILE A 110 8.24 29.17 -1.07
CA ILE A 110 8.14 29.52 0.34
C ILE A 110 9.22 28.78 1.16
N ALA A 111 9.80 27.69 0.57
CA ALA A 111 10.82 26.81 1.10
C ALA A 111 11.46 26.05 -0.08
N LYS A 112 12.67 25.50 0.13
CA LYS A 112 13.34 24.68 -0.87
C LYS A 112 12.95 23.19 -0.64
N LYS A 113 12.74 22.79 0.63
CA LYS A 113 12.38 21.43 1.04
C LYS A 113 11.09 21.43 1.86
N PRO A 114 10.23 20.41 1.72
CA PRO A 114 8.97 20.39 2.49
C PRO A 114 9.12 20.29 4.01
N THR A 115 10.35 20.02 4.49
CA THR A 115 10.68 19.88 5.91
C THR A 115 10.90 21.22 6.62
N GLU A 116 10.85 22.35 5.89
CA GLU A 116 11.01 23.67 6.48
C GLU A 116 9.74 24.02 7.26
N THR A 117 9.88 24.62 8.44
CA THR A 117 8.79 24.88 9.38
C THR A 117 7.59 25.61 8.76
N ILE A 118 7.79 26.33 7.65
CA ILE A 118 6.70 27.03 6.99
C ILE A 118 5.68 26.08 6.31
N CYS A 119 6.14 24.90 5.91
CA CYS A 119 5.30 23.90 5.27
C CYS A 119 4.53 23.05 6.27
N ALA A 120 4.93 23.05 7.56
CA ALA A 120 4.28 22.28 8.60
C ALA A 120 2.78 22.48 8.65
N PRO A 121 2.27 23.72 8.70
CA PRO A 121 0.82 23.91 8.71
C PRO A 121 0.09 23.69 7.37
N LEU A 122 0.80 23.70 6.24
CA LEU A 122 0.18 23.52 4.92
C LEU A 122 0.02 22.06 4.57
N THR A 123 -1.04 21.70 3.86
CA THR A 123 -1.19 20.33 3.39
C THR A 123 -0.33 20.22 2.11
N VAL A 124 0.83 19.61 2.25
CA VAL A 124 1.75 19.44 1.15
C VAL A 124 1.38 18.19 0.37
N PHE A 125 1.41 18.23 -0.99
CA PHE A 125 1.12 17.07 -1.81
C PHE A 125 2.44 16.36 -2.04
N PHE A 126 2.50 15.06 -1.78
CA PHE A 126 3.67 14.25 -1.99
C PHE A 126 3.39 13.16 -3.03
N ASP A 127 4.36 12.94 -3.91
CA ASP A 127 4.27 11.93 -4.96
C ASP A 127 5.21 10.79 -4.61
N GLY A 128 4.65 9.64 -4.26
CA GLY A 128 5.39 8.45 -3.87
C GLY A 128 6.26 7.85 -4.94
N ARG A 129 5.99 8.20 -6.21
CA ARG A 129 6.78 7.77 -7.37
C ARG A 129 8.16 8.48 -7.41
N VAL A 130 8.30 9.62 -6.73
CA VAL A 130 9.55 10.37 -6.61
C VAL A 130 10.29 9.83 -5.38
N ASP A 131 11.61 9.69 -5.46
CA ASP A 131 12.41 9.18 -4.36
C ASP A 131 12.35 10.02 -3.09
N GLY A 132 12.10 9.37 -1.96
CA GLY A 132 12.08 9.94 -0.63
C GLY A 132 10.85 10.74 -0.26
N GLN A 133 9.83 10.75 -1.12
CA GLN A 133 8.63 11.53 -0.86
C GLN A 133 7.65 10.85 0.10
N VAL A 134 7.62 9.51 0.14
CA VAL A 134 6.80 8.82 1.13
C VAL A 134 7.37 9.12 2.53
N ASP A 135 8.71 9.15 2.68
CA ASP A 135 9.38 9.50 3.93
C ASP A 135 9.13 10.95 4.33
N LEU A 136 9.01 11.85 3.33
CA LEU A 136 8.72 13.24 3.61
C LEU A 136 7.26 13.39 4.06
N PHE A 137 6.34 12.57 3.53
CA PHE A 137 4.96 12.57 3.97
C PHE A 137 4.89 12.11 5.43
N ARG A 138 5.62 11.03 5.80
CA ARG A 138 5.67 10.52 7.16
C ARG A 138 6.19 11.58 8.12
N ASN A 139 7.11 12.43 7.68
CA ASN A 139 7.68 13.46 8.54
C ASN A 139 6.91 14.76 8.53
N ALA A 140 6.05 15.00 7.53
CA ALA A 140 5.22 16.20 7.40
C ALA A 140 4.16 16.24 8.48
N ARG A 141 3.70 17.45 8.83
CA ARG A 141 2.61 17.59 9.78
C ARG A 141 1.30 17.40 9.00
N ASN A 142 1.16 18.09 7.87
CA ASN A 142 -0.02 17.96 7.03
C ASN A 142 0.40 17.57 5.62
N GLY A 143 -0.47 16.83 4.96
CA GLY A 143 -0.19 16.42 3.60
C GLY A 143 -1.09 15.35 3.02
N VAL A 144 -0.96 15.18 1.73
CA VAL A 144 -1.63 14.15 0.96
C VAL A 144 -0.56 13.41 0.20
N LEU A 145 -0.64 12.10 0.17
CA LEU A 145 0.34 11.29 -0.52
C LEU A 145 -0.33 10.42 -1.54
N ILE A 146 0.25 10.33 -2.74
CA ILE A 146 -0.24 9.39 -3.74
C ILE A 146 0.86 8.36 -3.96
N THR A 147 0.50 7.08 -4.05
CA THR A 147 1.50 6.04 -4.33
C THR A 147 0.97 5.06 -5.37
N GLU A 148 1.90 4.39 -6.06
CA GLU A 148 1.56 3.39 -7.06
C GLU A 148 1.32 2.00 -6.43
N GLY A 149 1.91 1.74 -5.26
CA GLY A 149 1.76 0.50 -4.52
C GLY A 149 1.50 0.68 -3.03
N SER A 150 1.70 -0.36 -2.21
CA SER A 150 1.47 -0.24 -0.76
C SER A 150 2.64 0.33 0.04
N VAL A 151 2.31 1.15 1.04
CA VAL A 151 3.29 1.74 1.94
C VAL A 151 3.04 1.01 3.24
N LYS A 152 4.03 0.27 3.76
CA LYS A 152 3.88 -0.53 4.96
C LYS A 152 3.29 0.23 6.14
N GLY A 153 2.23 -0.32 6.72
CA GLY A 153 1.62 0.29 7.88
C GLY A 153 0.49 1.25 7.60
N LEU A 154 0.65 2.09 6.55
CA LEU A 154 -0.33 3.07 6.12
C LEU A 154 -1.50 2.42 5.37
N GLN A 155 -2.74 2.65 5.86
CA GLN A 155 -3.96 2.10 5.25
C GLN A 155 -4.36 2.91 3.99
N PRO A 156 -4.42 2.25 2.83
CA PRO A 156 -4.70 2.99 1.59
C PRO A 156 -6.15 3.33 1.33
N SER A 157 -6.34 4.27 0.44
CA SER A 157 -7.63 4.66 -0.06
C SER A 157 -7.47 4.55 -1.58
N VAL A 158 -8.18 3.63 -2.24
CA VAL A 158 -8.03 3.49 -3.70
C VAL A 158 -8.71 4.68 -4.37
N GLY A 159 -7.93 5.47 -5.10
CA GLY A 159 -8.43 6.66 -5.76
C GLY A 159 -9.12 6.36 -7.08
N PRO A 160 -9.36 7.40 -7.91
CA PRO A 160 -10.05 7.18 -9.19
C PRO A 160 -9.21 6.44 -10.21
N LYS A 161 -9.88 5.79 -11.18
CA LYS A 161 -9.18 5.07 -12.24
C LYS A 161 -8.40 6.05 -13.15
N GLN A 162 -8.96 7.26 -13.33
CA GLN A 162 -8.42 8.31 -14.16
C GLN A 162 -7.49 9.32 -13.44
N ALA A 163 -6.54 9.86 -14.21
CA ALA A 163 -5.62 10.90 -13.77
C ALA A 163 -5.38 11.85 -14.95
N SER A 164 -4.83 13.03 -14.70
CA SER A 164 -4.58 14.04 -15.72
C SER A 164 -3.13 13.96 -16.23
N LEU A 165 -2.92 13.54 -17.49
CA LEU A 165 -1.59 13.53 -18.08
C LEU A 165 -1.50 14.68 -19.09
N ASN A 166 -0.79 15.77 -18.71
CA ASN A 166 -0.63 16.98 -19.52
C ASN A 166 -1.95 17.58 -19.93
N GLY A 167 -2.90 17.60 -19.01
CA GLY A 167 -4.22 18.15 -19.28
C GLY A 167 -5.19 17.16 -19.89
N VAL A 168 -4.72 15.98 -20.31
CA VAL A 168 -5.58 14.96 -20.87
C VAL A 168 -5.98 14.02 -19.78
N THR A 169 -7.23 14.09 -19.32
CA THR A 169 -7.72 13.16 -18.30
C THR A 169 -7.94 11.80 -18.97
N LEU A 170 -7.32 10.76 -18.43
CA LEU A 170 -7.39 9.43 -19.03
C LEU A 170 -7.24 8.31 -18.00
N ILE A 171 -7.71 7.11 -18.36
CA ILE A 171 -7.54 5.91 -17.56
C ILE A 171 -6.38 5.22 -18.25
N GLY A 172 -5.24 5.19 -17.57
CA GLY A 172 -3.98 4.70 -18.10
C GLY A 172 -3.98 3.27 -18.57
N GLU A 173 -3.21 3.01 -19.63
CA GLU A 173 -2.98 1.71 -20.23
C GLU A 173 -1.46 1.50 -20.30
N ALA A 174 -0.73 2.50 -20.79
CA ALA A 174 0.72 2.46 -20.80
C ALA A 174 1.33 3.10 -19.51
N VAL A 175 0.51 3.76 -18.68
CA VAL A 175 0.94 4.37 -17.42
C VAL A 175 -0.07 4.02 -16.29
N LYS A 176 0.36 4.12 -15.05
CA LYS A 176 -0.50 3.91 -13.91
C LYS A 176 -1.18 5.25 -13.65
N THR A 177 -2.52 5.25 -13.56
CA THR A 177 -3.28 6.46 -13.24
C THR A 177 -4.09 6.30 -11.92
N GLN A 178 -4.37 5.03 -11.49
CA GLN A 178 -5.10 4.80 -10.24
C GLN A 178 -4.08 4.79 -9.10
N PHE A 179 -4.21 5.72 -8.15
CA PHE A 179 -3.23 5.82 -7.05
C PHE A 179 -3.86 5.47 -5.72
N ASN A 180 -3.02 5.07 -4.75
CA ASN A 180 -3.44 4.87 -3.39
C ASN A 180 -3.31 6.26 -2.77
N TYR A 181 -4.30 6.70 -2.00
CA TYR A 181 -4.28 8.03 -1.40
C TYR A 181 -4.15 7.98 0.08
N TYR A 182 -3.37 8.90 0.63
CA TYR A 182 -3.14 9.00 2.08
C TYR A 182 -3.26 10.47 2.49
N LYS A 183 -3.75 10.77 3.69
CA LYS A 183 -3.90 12.16 4.16
C LYS A 183 -3.40 12.28 5.59
N LYS A 184 -2.83 13.43 5.96
CA LYS A 184 -2.33 13.68 7.30
C LYS A 184 -2.80 15.04 7.75
N VAL A 185 -3.40 15.12 8.94
CA VAL A 185 -3.87 16.36 9.53
C VAL A 185 -3.27 16.49 10.94
N ASP A 186 -2.47 17.53 11.19
CA ASP A 186 -1.79 17.79 12.46
C ASP A 186 -0.98 16.61 12.98
N GLY A 187 -0.22 16.01 12.08
CA GLY A 187 0.66 14.89 12.36
C GLY A 187 -0.02 13.53 12.38
N VAL A 188 -1.34 13.51 12.31
CA VAL A 188 -2.12 12.29 12.42
C VAL A 188 -2.69 11.89 11.10
N VAL A 189 -2.40 10.68 10.62
CA VAL A 189 -2.96 10.13 9.39
C VAL A 189 -4.48 10.08 9.53
N GLN A 190 -5.21 10.52 8.51
CA GLN A 190 -6.65 10.55 8.54
C GLN A 190 -7.22 9.46 7.66
N GLN A 191 -8.27 8.82 8.12
CA GLN A 191 -8.92 7.77 7.37
C GLN A 191 -9.71 8.47 6.28
N LEU A 192 -9.40 8.22 5.01
CA LEU A 192 -10.18 8.81 3.92
C LEU A 192 -11.48 8.05 3.79
N PRO A 193 -12.60 8.77 3.64
CA PRO A 193 -13.91 8.12 3.59
C PRO A 193 -14.18 7.24 2.38
N GLU A 194 -15.23 6.42 2.47
CA GLU A 194 -15.74 5.65 1.35
C GLU A 194 -16.37 6.69 0.42
N THR A 195 -15.93 6.70 -0.82
CA THR A 195 -16.36 7.72 -1.76
C THR A 195 -16.72 7.14 -3.11
N TYR A 196 -17.48 7.92 -3.87
CA TYR A 196 -17.82 7.66 -5.25
C TYR A 196 -16.85 8.55 -6.00
N PHE A 197 -16.60 8.22 -7.26
CA PHE A 197 -15.76 9.08 -8.07
C PHE A 197 -16.53 9.62 -9.26
N THR A 198 -16.30 10.90 -9.61
CA THR A 198 -16.90 11.43 -10.82
C THR A 198 -16.06 10.83 -11.98
N GLN A 199 -16.66 10.70 -13.17
CA GLN A 199 -16.01 10.04 -14.28
C GLN A 199 -15.12 10.94 -15.16
N SER A 200 -15.18 12.28 -14.96
CA SER A 200 -14.39 13.28 -15.68
C SER A 200 -14.52 13.22 -17.19
N ARG A 201 -15.74 12.95 -17.68
CA ARG A 201 -16.01 12.86 -19.11
C ARG A 201 -16.40 14.21 -19.71
N ASN A 202 -16.18 14.34 -21.03
CA ASN A 202 -16.54 15.55 -21.78
C ASN A 202 -17.91 15.35 -22.39
N LEU A 203 -18.62 16.44 -22.59
CA LEU A 203 -19.92 16.39 -23.23
C LEU A 203 -19.77 16.00 -24.72
N GLN A 204 -18.70 16.50 -25.38
CA GLN A 204 -18.42 16.26 -26.79
C GLN A 204 -18.03 14.80 -27.04
N GLU A 205 -17.08 14.27 -26.24
CA GLU A 205 -16.57 12.92 -26.43
C GLU A 205 -17.04 11.97 -25.34
N PHE A 206 -18.34 11.99 -25.05
CA PHE A 206 -18.90 11.14 -24.00
C PHE A 206 -18.97 9.68 -24.42
N LYS A 207 -18.45 8.78 -23.59
CA LYS A 207 -18.48 7.36 -23.87
C LYS A 207 -19.03 6.59 -22.66
N PRO A 208 -20.02 5.72 -22.88
CA PRO A 208 -20.61 4.97 -21.76
C PRO A 208 -19.67 3.95 -21.12
N ARG A 209 -19.61 3.92 -19.79
CA ARG A 209 -18.73 3.02 -19.08
C ARG A 209 -19.45 1.88 -18.35
N SER A 210 -20.66 1.53 -18.80
CA SER A 210 -21.44 0.43 -18.20
C SER A 210 -22.60 0.00 -19.10
N GLN A 211 -23.19 -1.19 -18.86
CA GLN A 211 -24.35 -1.62 -19.64
C GLN A 211 -25.54 -0.68 -19.40
N MET A 212 -25.69 -0.15 -18.18
CA MET A 212 -26.77 0.80 -17.89
C MET A 212 -26.58 2.08 -18.69
N GLU A 213 -25.34 2.58 -18.75
CA GLU A 213 -25.03 3.76 -19.52
C GLU A 213 -25.19 3.53 -21.01
N ILE A 214 -24.86 2.33 -21.49
CA ILE A 214 -25.03 1.92 -22.88
C ILE A 214 -26.52 1.85 -23.24
N ASP A 215 -27.37 1.39 -22.29
CA ASP A 215 -28.81 1.31 -22.45
C ASP A 215 -29.48 2.68 -22.33
N PHE A 216 -28.89 3.62 -21.58
CA PHE A 216 -29.46 4.96 -21.43
C PHE A 216 -29.39 5.74 -22.72
N LEU A 217 -28.21 5.72 -23.35
CA LEU A 217 -27.99 6.42 -24.61
C LEU A 217 -28.64 5.72 -25.80
N GLU A 218 -28.91 4.41 -25.70
CA GLU A 218 -29.50 3.66 -26.81
C GLU A 218 -31.04 3.61 -26.75
N LEU A 219 -31.58 3.23 -25.58
CA LEU A 219 -33.02 3.10 -25.43
C LEU A 219 -33.73 4.43 -25.19
N ALA A 220 -35.02 4.47 -25.54
CA ALA A 220 -35.91 5.61 -25.32
C ALA A 220 -36.14 5.78 -23.80
N MET A 221 -36.57 6.99 -23.38
CA MET A 221 -36.83 7.27 -21.98
C MET A 221 -37.78 6.26 -21.31
N ASP A 222 -38.91 5.96 -21.95
CA ASP A 222 -39.92 5.05 -21.41
C ASP A 222 -39.45 3.59 -21.29
N GLU A 223 -38.61 3.09 -22.21
CA GLU A 223 -38.14 1.72 -22.11
C GLU A 223 -36.92 1.60 -21.19
N PHE A 224 -36.10 2.67 -21.07
CA PHE A 224 -34.97 2.62 -20.12
C PHE A 224 -35.53 2.61 -18.69
N ILE A 225 -36.43 3.55 -18.37
CA ILE A 225 -37.04 3.63 -17.04
C ILE A 225 -37.79 2.33 -16.69
N GLU A 226 -38.30 1.60 -17.70
CA GLU A 226 -38.97 0.33 -17.47
C GLU A 226 -37.95 -0.79 -17.20
N ARG A 227 -36.94 -0.91 -18.08
CA ARG A 227 -35.90 -1.94 -17.94
C ARG A 227 -35.16 -1.86 -16.61
N TYR A 228 -34.79 -0.65 -16.18
CA TYR A 228 -34.04 -0.50 -14.93
C TYR A 228 -34.92 -0.18 -13.71
N LYS A 229 -36.26 -0.40 -13.83
CA LYS A 229 -37.25 -0.23 -12.78
C LYS A 229 -37.15 1.10 -12.03
N LEU A 230 -36.92 2.18 -12.77
CA LEU A 230 -36.76 3.51 -12.19
C LEU A 230 -38.05 4.31 -12.14
N GLU A 231 -39.21 3.65 -12.15
CA GLU A 231 -40.50 4.34 -12.08
C GLU A 231 -40.68 5.00 -10.70
N GLY A 232 -41.02 6.29 -10.72
CA GLY A 232 -41.19 7.04 -9.48
C GLY A 232 -39.93 7.70 -8.95
N TYR A 233 -38.83 7.65 -9.73
CA TYR A 233 -37.57 8.23 -9.34
C TYR A 233 -37.22 9.54 -10.06
N ALA A 234 -38.19 10.11 -10.79
CA ALA A 234 -38.07 11.38 -11.52
C ALA A 234 -36.88 11.45 -12.46
N PHE A 235 -36.52 10.32 -13.08
CA PHE A 235 -35.43 10.31 -14.03
C PHE A 235 -35.73 11.18 -15.25
N GLU A 236 -37.02 11.28 -15.63
CA GLU A 236 -37.55 12.12 -16.72
C GLU A 236 -37.17 13.60 -16.48
N HIS A 237 -37.21 14.04 -15.23
CA HIS A 237 -36.89 15.42 -14.87
C HIS A 237 -35.38 15.58 -14.53
N ILE A 238 -34.87 14.77 -13.60
CA ILE A 238 -33.49 14.82 -13.11
C ILE A 238 -32.44 14.51 -14.16
N VAL A 239 -32.54 13.34 -14.80
CA VAL A 239 -31.53 12.89 -15.74
C VAL A 239 -31.81 13.32 -17.17
N TYR A 240 -33.03 13.07 -17.63
CA TYR A 240 -33.46 13.38 -18.99
C TYR A 240 -33.65 14.87 -19.27
N GLY A 241 -34.17 15.61 -18.30
CA GLY A 241 -34.40 17.04 -18.46
C GLY A 241 -35.76 17.38 -19.04
N ASP A 242 -36.44 18.35 -18.45
CA ASP A 242 -37.73 18.83 -18.92
C ASP A 242 -37.49 20.12 -19.71
N PHE A 243 -37.71 20.08 -21.02
CA PHE A 243 -37.51 21.24 -21.86
C PHE A 243 -38.83 21.86 -22.31
N SER A 244 -39.92 21.65 -21.56
CA SER A 244 -41.22 22.16 -21.98
C SER A 244 -41.53 23.57 -21.46
N HIS A 245 -40.88 24.03 -20.37
CA HIS A 245 -41.13 25.37 -19.83
C HIS A 245 -39.94 26.31 -19.99
N SER A 246 -40.12 27.62 -19.69
CA SER A 246 -39.04 28.61 -19.86
C SER A 246 -37.83 28.35 -18.95
N GLN A 247 -38.03 27.62 -17.85
CA GLN A 247 -36.93 27.21 -17.00
C GLN A 247 -36.72 25.72 -17.27
N LEU A 248 -35.50 25.35 -17.72
CA LEU A 248 -35.09 23.99 -18.03
C LEU A 248 -35.18 23.20 -16.74
N GLY A 249 -35.97 22.14 -16.76
CA GLY A 249 -36.18 21.30 -15.60
C GLY A 249 -35.13 20.24 -15.48
N GLY A 250 -34.60 20.09 -14.27
CA GLY A 250 -33.59 19.10 -13.94
C GLY A 250 -32.34 19.20 -14.77
N LEU A 251 -31.93 18.08 -15.37
CA LEU A 251 -30.73 17.94 -16.20
C LEU A 251 -29.46 18.14 -15.37
N HIS A 252 -29.26 17.27 -14.36
CA HIS A 252 -28.13 17.40 -13.45
C HIS A 252 -27.05 16.33 -13.60
N LEU A 253 -27.29 15.32 -14.44
CA LEU A 253 -26.34 14.24 -14.69
C LEU A 253 -25.75 14.43 -16.08
N LEU A 254 -24.41 14.35 -16.23
CA LEU A 254 -23.75 14.55 -17.52
C LEU A 254 -24.19 13.60 -18.63
N ILE A 255 -24.51 12.35 -18.31
CA ILE A 255 -24.96 11.38 -19.30
C ILE A 255 -26.28 11.84 -19.98
N GLY A 256 -27.15 12.50 -19.21
CA GLY A 256 -28.42 13.04 -19.71
C GLY A 256 -28.19 14.21 -20.65
N LEU A 257 -27.21 15.06 -20.32
CA LEU A 257 -26.81 16.18 -21.16
C LEU A 257 -26.23 15.63 -22.46
N ALA A 258 -25.45 14.53 -22.38
CA ALA A 258 -24.84 13.90 -23.53
C ALA A 258 -25.87 13.28 -24.45
N LYS A 259 -26.95 12.69 -23.88
CA LYS A 259 -27.97 12.08 -24.72
C LYS A 259 -28.68 13.14 -25.54
N ARG A 260 -29.03 14.28 -24.90
CA ARG A 260 -29.72 15.43 -25.50
C ARG A 260 -28.85 16.07 -26.57
N PHE A 261 -27.55 16.19 -26.29
CA PHE A 261 -26.57 16.78 -27.17
C PHE A 261 -26.50 16.16 -28.57
N LYS A 262 -26.78 14.86 -28.67
CA LYS A 262 -26.78 14.16 -29.95
C LYS A 262 -28.01 14.52 -30.79
N GLU A 263 -29.14 14.84 -30.14
CA GLU A 263 -30.36 15.20 -30.85
C GLU A 263 -30.32 16.67 -31.25
N SER A 264 -29.90 17.55 -30.32
CA SER A 264 -29.84 18.98 -30.58
C SER A 264 -28.80 19.67 -29.70
N PRO A 265 -28.15 20.74 -30.22
CA PRO A 265 -27.14 21.43 -29.42
C PRO A 265 -27.71 22.31 -28.32
N PHE A 266 -26.84 22.78 -27.40
CA PHE A 266 -27.21 23.69 -26.33
C PHE A 266 -25.97 24.41 -25.80
N GLU A 267 -26.12 25.66 -25.41
CA GLU A 267 -25.01 26.43 -24.87
C GLU A 267 -24.86 26.12 -23.38
N LEU A 268 -23.64 25.78 -22.96
CA LEU A 268 -23.36 25.53 -21.55
C LEU A 268 -22.38 26.61 -21.16
N GLU A 269 -22.86 27.67 -20.53
CA GLU A 269 -21.97 28.75 -20.13
C GLU A 269 -21.33 28.44 -18.79
N ASP A 270 -20.06 28.06 -18.82
CA ASP A 270 -19.26 27.72 -17.66
C ASP A 270 -18.75 29.01 -17.03
N PHE A 271 -19.59 29.66 -16.20
CA PHE A 271 -19.30 30.96 -15.59
C PHE A 271 -18.26 30.93 -14.46
N ILE A 272 -17.90 29.74 -13.95
CA ILE A 272 -16.82 29.60 -12.99
C ILE A 272 -15.87 28.55 -13.58
N PRO A 273 -14.97 28.93 -14.49
CA PRO A 273 -14.11 27.91 -15.13
C PRO A 273 -12.99 27.38 -14.24
N MET A 274 -13.24 26.21 -13.69
CA MET A 274 -12.32 25.53 -12.80
C MET A 274 -12.73 24.06 -12.69
N ASP A 275 -11.85 23.23 -12.17
CA ASP A 275 -12.12 21.82 -12.02
C ASP A 275 -12.92 21.65 -10.76
N SER A 276 -14.12 21.10 -10.88
CA SER A 276 -14.97 20.92 -9.71
C SER A 276 -15.74 19.60 -9.80
N THR A 277 -16.08 18.99 -8.62
CA THR A 277 -16.83 17.74 -8.59
C THR A 277 -18.21 17.99 -9.15
N VAL A 278 -18.88 19.05 -8.66
CA VAL A 278 -20.14 19.52 -9.19
C VAL A 278 -19.83 20.78 -10.00
N LYS A 279 -20.24 20.82 -11.27
CA LYS A 279 -20.00 21.99 -12.12
C LYS A 279 -21.28 22.78 -12.33
N ASN A 280 -21.23 24.11 -12.25
CA ASN A 280 -22.42 24.93 -12.47
C ASN A 280 -22.39 25.55 -13.85
N TYR A 281 -23.52 25.49 -14.57
CA TYR A 281 -23.59 26.02 -15.94
C TYR A 281 -24.80 26.85 -16.18
N PHE A 282 -24.70 27.83 -17.07
CA PHE A 282 -25.85 28.62 -17.48
C PHE A 282 -26.25 27.94 -18.78
N ILE A 283 -27.21 27.01 -18.71
CA ILE A 283 -27.59 26.26 -19.90
C ILE A 283 -28.74 26.92 -20.66
N THR A 284 -28.63 26.97 -22.01
CA THR A 284 -29.63 27.51 -22.91
C THR A 284 -29.85 26.47 -23.98
N ASP A 285 -31.03 25.88 -24.02
CA ASP A 285 -31.33 24.85 -24.99
C ASP A 285 -31.60 25.53 -26.31
N ALA A 286 -30.88 25.14 -27.35
CA ALA A 286 -31.01 25.76 -28.67
C ALA A 286 -32.29 25.41 -29.42
N GLN A 287 -32.85 24.23 -29.17
CA GLN A 287 -34.06 23.80 -29.86
C GLN A 287 -35.33 24.46 -29.31
N THR A 288 -35.54 24.36 -28.00
CA THR A 288 -36.73 24.84 -27.33
C THR A 288 -36.64 26.26 -26.79
N GLY A 289 -35.48 26.66 -26.31
CA GLY A 289 -35.34 27.96 -25.65
C GLY A 289 -35.58 27.85 -24.16
N SER A 290 -35.55 26.64 -23.61
CA SER A 290 -35.65 26.35 -22.19
C SER A 290 -34.26 26.72 -21.63
N SER A 291 -34.19 27.42 -20.49
CA SER A 291 -32.89 27.81 -19.93
C SER A 291 -32.84 27.79 -18.38
N LYS A 292 -31.63 27.70 -17.81
CA LYS A 292 -31.44 27.73 -16.36
C LYS A 292 -30.14 28.47 -16.08
N CYS A 293 -30.18 29.51 -15.23
CA CYS A 293 -29.01 30.31 -14.92
C CYS A 293 -27.96 29.50 -14.24
N VAL A 294 -28.37 28.70 -13.26
CA VAL A 294 -27.46 27.84 -12.52
C VAL A 294 -27.97 26.42 -12.61
N CYS A 295 -27.29 25.60 -13.41
CA CYS A 295 -27.65 24.21 -13.59
C CYS A 295 -26.49 23.38 -13.09
N SER A 296 -26.59 22.85 -11.87
CA SER A 296 -25.54 22.02 -11.30
C SER A 296 -25.51 20.66 -12.02
N VAL A 297 -24.33 20.29 -12.52
CA VAL A 297 -24.10 19.07 -13.29
C VAL A 297 -22.98 18.27 -12.68
N ILE A 298 -23.26 17.02 -12.38
CA ILE A 298 -22.29 16.08 -11.86
C ILE A 298 -22.17 14.91 -12.86
N ASP A 299 -20.99 14.31 -12.95
CA ASP A 299 -20.76 13.20 -13.87
C ASP A 299 -20.48 11.94 -13.09
N LEU A 300 -21.53 11.35 -12.53
CA LEU A 300 -21.40 10.07 -11.85
C LEU A 300 -21.71 9.00 -12.88
N LEU A 301 -21.23 7.79 -12.64
CA LEU A 301 -21.60 6.63 -13.46
C LEU A 301 -23.11 6.42 -13.20
N LEU A 302 -23.91 6.20 -14.25
CA LEU A 302 -25.36 6.08 -14.07
C LEU A 302 -25.76 4.99 -13.04
N ASP A 303 -24.96 3.93 -12.95
CA ASP A 303 -25.18 2.88 -11.96
C ASP A 303 -24.97 3.42 -10.54
N ASP A 304 -23.99 4.31 -10.36
CA ASP A 304 -23.72 4.91 -9.07
C ASP A 304 -24.79 5.92 -8.69
N PHE A 305 -25.28 6.70 -9.67
CA PHE A 305 -26.35 7.65 -9.42
C PHE A 305 -27.66 6.91 -9.11
N VAL A 306 -27.91 5.78 -9.78
CA VAL A 306 -29.10 4.97 -9.51
C VAL A 306 -29.02 4.40 -8.10
N GLU A 307 -27.85 3.90 -7.71
CA GLU A 307 -27.64 3.41 -6.36
C GLU A 307 -27.87 4.51 -5.30
N ILE A 308 -27.34 5.73 -5.53
CA ILE A 308 -27.52 6.84 -4.60
C ILE A 308 -29.00 7.17 -4.41
N ILE A 309 -29.74 7.38 -5.53
CA ILE A 309 -31.15 7.77 -5.43
C ILE A 309 -32.03 6.64 -4.90
N LYS A 310 -31.73 5.37 -5.22
CA LYS A 310 -32.52 4.24 -4.72
C LYS A 310 -32.27 3.92 -3.24
N SER A 311 -31.21 4.49 -2.65
CA SER A 311 -30.87 4.30 -1.23
C SER A 311 -31.42 5.42 -0.34
N GLN A 312 -32.42 6.18 -0.83
CA GLN A 312 -32.98 7.29 -0.07
C GLN A 312 -34.36 7.03 0.47
N ASP A 313 -34.65 7.65 1.60
CA ASP A 313 -35.97 7.56 2.20
C ASP A 313 -36.84 8.56 1.42
N LEU A 314 -37.97 8.09 0.84
CA LEU A 314 -38.83 8.97 0.05
C LEU A 314 -40.06 9.49 0.77
N SER A 315 -40.03 9.50 2.11
CA SER A 315 -41.20 9.94 2.88
C SER A 315 -41.21 11.41 3.31
N VAL A 316 -40.16 12.19 3.00
CA VAL A 316 -40.11 13.60 3.41
C VAL A 316 -40.26 14.53 2.21
N VAL A 317 -40.91 15.66 2.42
CA VAL A 317 -41.11 16.63 1.36
C VAL A 317 -39.79 17.25 0.90
N SER A 318 -38.95 17.69 1.84
CA SER A 318 -37.67 18.33 1.55
C SER A 318 -36.65 17.76 2.50
N LYS A 319 -35.48 17.39 1.99
CA LYS A 319 -34.43 16.78 2.81
C LYS A 319 -33.06 16.99 2.16
N VAL A 320 -32.02 17.22 2.98
CA VAL A 320 -30.66 17.36 2.43
C VAL A 320 -30.03 15.98 2.47
N VAL A 321 -29.53 15.50 1.33
CA VAL A 321 -28.88 14.19 1.25
C VAL A 321 -27.39 14.38 1.01
N LYS A 322 -26.54 14.08 1.99
CA LYS A 322 -25.09 14.22 1.84
C LYS A 322 -24.46 12.95 1.25
N VAL A 323 -23.71 13.06 0.13
CA VAL A 323 -23.07 11.91 -0.51
C VAL A 323 -21.57 12.19 -0.69
N THR A 324 -20.69 11.30 -0.18
CA THR A 324 -19.27 11.51 -0.37
C THR A 324 -18.86 11.14 -1.81
N ILE A 325 -18.37 12.14 -2.55
CA ILE A 325 -17.93 12.02 -3.95
C ILE A 325 -16.62 12.78 -4.05
N ASP A 326 -15.60 12.14 -4.63
CA ASP A 326 -14.26 12.68 -4.79
C ASP A 326 -13.68 13.17 -3.46
N TYR A 327 -13.90 12.38 -2.39
CA TYR A 327 -13.47 12.62 -1.01
C TYR A 327 -14.15 13.84 -0.35
N THR A 328 -15.01 14.55 -1.08
CA THR A 328 -15.74 15.67 -0.51
C THR A 328 -17.22 15.30 -0.28
N GLU A 329 -17.85 15.94 0.70
CA GLU A 329 -19.25 15.71 0.96
C GLU A 329 -20.05 16.62 0.08
N ILE A 330 -20.85 16.05 -0.83
CA ILE A 330 -21.69 16.83 -1.73
C ILE A 330 -23.10 16.74 -1.20
N SER A 331 -23.70 17.89 -0.85
CA SER A 331 -25.08 17.94 -0.38
C SER A 331 -25.99 18.00 -1.58
N PHE A 332 -27.01 17.15 -1.59
CA PHE A 332 -28.02 17.10 -2.63
C PHE A 332 -29.35 17.53 -2.01
N MET A 333 -30.28 17.98 -2.82
CA MET A 333 -31.58 18.38 -2.32
C MET A 333 -32.59 17.38 -2.84
N LEU A 334 -33.20 16.62 -1.93
CA LEU A 334 -34.17 15.62 -2.31
C LEU A 334 -35.59 16.05 -1.94
N TRP A 335 -36.41 16.19 -2.97
CA TRP A 335 -37.79 16.61 -2.88
C TRP A 335 -38.71 15.47 -3.25
N CYS A 336 -39.60 15.07 -2.35
CA CYS A 336 -40.53 13.97 -2.59
C CYS A 336 -41.98 14.42 -2.44
N LYS A 337 -42.91 13.54 -2.83
CA LYS A 337 -44.36 13.73 -2.72
C LYS A 337 -44.98 12.35 -2.90
N ASP A 338 -45.84 11.92 -1.97
CA ASP A 338 -46.55 10.63 -2.04
C ASP A 338 -45.64 9.41 -2.32
N GLY A 339 -44.49 9.35 -1.67
CA GLY A 339 -43.56 8.23 -1.79
C GLY A 339 -42.76 8.15 -3.08
N HIS A 340 -42.72 9.26 -3.84
CA HIS A 340 -41.97 9.29 -5.07
C HIS A 340 -41.10 10.54 -5.18
N VAL A 341 -40.00 10.45 -5.93
CA VAL A 341 -39.11 11.58 -6.12
C VAL A 341 -39.77 12.60 -7.03
N GLU A 342 -39.61 13.87 -6.70
CA GLU A 342 -40.07 14.96 -7.54
C GLU A 342 -38.80 15.56 -8.19
N THR A 343 -37.77 15.83 -7.37
CA THR A 343 -36.46 16.28 -7.83
C THR A 343 -35.36 15.84 -6.85
N PHE A 344 -34.14 15.76 -7.36
CA PHE A 344 -32.93 15.39 -6.64
C PHE A 344 -31.82 16.10 -7.40
N TYR A 345 -31.10 17.02 -6.75
CA TYR A 345 -30.09 17.82 -7.44
C TYR A 345 -28.94 18.25 -6.55
N PRO A 346 -27.72 18.39 -7.09
CA PRO A 346 -26.59 18.86 -6.27
C PRO A 346 -26.85 20.27 -5.78
N LYS A 347 -27.21 20.37 -4.48
CA LYS A 347 -27.61 21.58 -3.73
C LYS A 347 -26.69 22.78 -3.91
N LEU A 348 -27.31 23.86 -4.37
CA LEU A 348 -26.69 25.16 -4.63
C LEU A 348 -26.87 26.05 -3.39
N GLN A 349 -25.82 26.85 -3.05
CA GLN A 349 -25.72 27.76 -1.88
C GLN A 349 -24.87 27.13 -0.75
N ALA B 2 24.44 -43.66 -4.54
CA ALA B 2 24.30 -44.92 -3.82
C ALA B 2 23.95 -44.66 -2.37
N MET B 3 22.78 -44.04 -2.15
CA MET B 3 22.27 -43.67 -0.82
C MET B 3 21.78 -44.85 0.02
N SER B 4 22.16 -44.87 1.29
CA SER B 4 21.73 -45.92 2.21
C SER B 4 21.56 -45.42 3.64
N LEU B 5 20.88 -46.19 4.47
CA LEU B 5 20.68 -45.81 5.86
C LEU B 5 22.02 -45.78 6.59
N GLU B 6 22.83 -46.80 6.40
CA GLU B 6 24.12 -46.96 7.00
C GLU B 6 25.15 -45.93 6.45
N ASN B 7 25.00 -45.50 5.19
CA ASN B 7 25.86 -44.47 4.65
C ASN B 7 25.47 -43.12 5.25
N VAL B 8 24.15 -42.84 5.39
CA VAL B 8 23.71 -41.59 6.00
C VAL B 8 24.21 -41.49 7.43
N ALA B 9 24.10 -42.61 8.18
CA ALA B 9 24.56 -42.77 9.55
C ALA B 9 26.07 -42.58 9.68
N PHE B 10 26.84 -43.11 8.73
CA PHE B 10 28.29 -42.97 8.70
C PHE B 10 28.65 -41.49 8.58
N ASN B 11 27.92 -40.78 7.70
CA ASN B 11 28.16 -39.36 7.48
C ASN B 11 27.87 -38.57 8.72
N VAL B 12 26.78 -38.90 9.43
CA VAL B 12 26.40 -38.20 10.65
C VAL B 12 27.48 -38.40 11.71
N VAL B 13 27.94 -39.66 11.89
CA VAL B 13 28.94 -40.03 12.88
C VAL B 13 30.30 -39.39 12.62
N ASN B 14 30.74 -39.37 11.35
CA ASN B 14 32.07 -38.87 11.02
C ASN B 14 32.17 -37.42 10.55
N LYS B 15 31.11 -36.84 9.97
CA LYS B 15 31.14 -35.47 9.46
C LYS B 15 30.21 -34.48 10.17
N GLY B 16 29.35 -34.96 11.05
CA GLY B 16 28.40 -34.09 11.74
C GLY B 16 27.07 -33.93 11.03
N HIS B 17 27.05 -34.27 9.75
CA HIS B 17 25.90 -34.20 8.87
C HIS B 17 26.22 -34.98 7.59
N PHE B 18 25.27 -35.09 6.66
CA PHE B 18 25.51 -35.80 5.42
C PHE B 18 26.40 -34.94 4.53
N ASP B 19 27.65 -35.38 4.32
CA ASP B 19 28.64 -34.70 3.52
C ASP B 19 29.04 -35.51 2.26
N GLY B 20 28.21 -36.46 1.86
CA GLY B 20 28.44 -37.29 0.68
C GLY B 20 29.67 -38.17 0.70
N GLN B 21 30.20 -38.47 1.89
CA GLN B 21 31.38 -39.32 2.07
C GLN B 21 30.98 -40.77 1.99
N GLN B 22 31.88 -41.62 1.54
CA GLN B 22 31.61 -43.04 1.42
C GLN B 22 31.88 -43.76 2.71
N GLY B 23 31.06 -44.75 3.01
CA GLY B 23 31.25 -45.57 4.20
C GLY B 23 29.95 -45.93 4.87
N GLU B 24 29.97 -46.97 5.68
CA GLU B 24 28.80 -47.45 6.40
C GLU B 24 29.15 -47.76 7.84
N VAL B 25 28.26 -47.48 8.79
CA VAL B 25 28.33 -47.85 10.21
C VAL B 25 27.11 -48.75 10.49
N PRO B 26 27.14 -49.64 11.50
CA PRO B 26 25.97 -50.49 11.75
C PRO B 26 24.86 -49.68 12.40
N VAL B 27 23.63 -49.85 11.92
CA VAL B 27 22.49 -49.08 12.43
C VAL B 27 21.42 -50.01 12.93
N SER B 28 20.71 -49.57 13.96
CA SER B 28 19.55 -50.24 14.49
C SER B 28 18.45 -49.20 14.69
N ILE B 29 17.23 -49.56 14.33
CA ILE B 29 16.09 -48.67 14.44
C ILE B 29 15.10 -49.30 15.39
N ILE B 30 14.84 -48.62 16.49
CA ILE B 30 13.90 -49.10 17.47
C ILE B 30 12.98 -47.95 17.71
N ASN B 31 11.69 -48.14 17.55
N ASN B 31 11.74 -48.21 17.28
CA ASN B 31 10.65 -47.15 17.90
CA ASN B 31 10.59 -47.33 17.25
C ASN B 31 11.08 -45.63 17.93
C ASN B 31 10.85 -46.22 16.22
N ASN B 32 11.09 -45.04 16.74
CA ASN B 32 11.40 -43.71 16.25
C ASN B 32 12.79 -43.22 16.57
N THR B 33 13.70 -44.10 17.02
CA THR B 33 15.07 -43.69 17.34
C THR B 33 16.07 -44.42 16.46
N VAL B 34 17.08 -43.69 15.98
CA VAL B 34 18.13 -44.28 15.18
C VAL B 34 19.37 -44.40 16.04
N TYR B 35 19.89 -45.62 16.18
CA TYR B 35 21.06 -45.92 16.98
C TYR B 35 22.18 -46.46 16.12
N THR B 36 23.40 -46.35 16.61
CA THR B 36 24.56 -46.93 15.95
C THR B 36 25.38 -47.70 16.97
N LYS B 37 26.11 -48.74 16.54
CA LYS B 37 26.95 -49.52 17.46
C LYS B 37 28.33 -48.89 17.51
N VAL B 38 28.70 -48.33 18.66
CA VAL B 38 30.02 -47.73 18.89
C VAL B 38 30.67 -48.52 19.99
N ASP B 39 31.61 -49.37 19.61
CA ASP B 39 32.33 -50.18 20.57
C ASP B 39 31.42 -51.09 21.41
N GLY B 40 30.63 -51.91 20.74
CA GLY B 40 29.78 -52.88 21.43
C GLY B 40 28.44 -52.37 21.92
N VAL B 41 28.32 -51.07 22.27
CA VAL B 41 27.06 -50.52 22.76
C VAL B 41 26.39 -49.59 21.75
N ASP B 42 25.05 -49.42 21.86
CA ASP B 42 24.26 -48.58 20.98
C ASP B 42 24.21 -47.14 21.46
N VAL B 43 24.50 -46.20 20.57
CA VAL B 43 24.46 -44.77 20.88
C VAL B 43 23.35 -44.14 20.04
N GLU B 44 22.49 -43.32 20.65
CA GLU B 44 21.40 -42.68 19.91
C GLU B 44 21.95 -41.56 19.01
N LEU B 45 21.58 -41.59 17.73
CA LEU B 45 22.00 -40.61 16.73
C LEU B 45 20.91 -39.60 16.37
N PHE B 46 19.63 -40.02 16.46
CA PHE B 46 18.49 -39.20 16.07
C PHE B 46 17.17 -39.69 16.67
N GLU B 47 16.32 -38.74 17.12
CA GLU B 47 14.99 -39.04 17.64
C GLU B 47 13.98 -38.44 16.67
N ASN B 48 13.16 -39.27 16.04
CA ASN B 48 12.18 -38.79 15.08
C ASN B 48 11.03 -38.06 15.73
N LYS B 49 10.99 -36.75 15.57
CA LYS B 49 9.89 -35.93 16.08
C LYS B 49 8.90 -35.52 14.92
N THR B 50 9.10 -36.06 13.70
CA THR B 50 8.31 -35.80 12.50
C THR B 50 7.15 -36.80 12.30
N THR B 51 6.28 -36.54 11.32
CA THR B 51 5.22 -37.46 10.95
C THR B 51 5.66 -38.41 9.80
N LEU B 52 6.95 -38.38 9.43
CA LEU B 52 7.55 -39.19 8.38
C LEU B 52 8.17 -40.45 8.99
N PRO B 53 8.39 -41.52 8.19
CA PRO B 53 9.08 -42.70 8.72
C PRO B 53 10.46 -42.31 9.27
N VAL B 54 10.89 -42.93 10.39
CA VAL B 54 12.12 -42.63 11.12
C VAL B 54 13.34 -42.50 10.26
N ASN B 55 13.61 -43.51 9.42
CA ASN B 55 14.76 -43.54 8.53
C ASN B 55 14.70 -42.46 7.49
N VAL B 56 13.49 -42.11 7.05
CA VAL B 56 13.27 -41.07 6.06
C VAL B 56 13.58 -39.73 6.70
N ALA B 57 13.00 -39.43 7.87
CA ALA B 57 13.30 -38.19 8.56
C ALA B 57 14.78 -38.08 8.95
N PHE B 58 15.43 -39.21 9.26
CA PHE B 58 16.85 -39.25 9.62
C PHE B 58 17.69 -38.71 8.48
N GLU B 59 17.42 -39.22 7.25
CA GLU B 59 18.08 -38.80 6.03
C GLU B 59 17.88 -37.32 5.76
N LEU B 60 16.65 -36.82 5.87
CA LEU B 60 16.38 -35.41 5.65
C LEU B 60 17.05 -34.54 6.67
N TRP B 61 17.09 -34.98 7.93
CA TRP B 61 17.77 -34.24 8.98
C TRP B 61 19.28 -34.20 8.68
N ALA B 62 19.86 -35.34 8.30
CA ALA B 62 21.26 -35.41 7.93
C ALA B 62 21.56 -34.52 6.72
N LYS B 63 20.64 -34.43 5.78
CA LYS B 63 20.82 -33.64 4.57
C LYS B 63 20.33 -32.18 4.70
N ARG B 64 20.18 -31.69 5.93
CA ARG B 64 19.73 -30.34 6.20
C ARG B 64 20.75 -29.30 5.74
N ASN B 65 20.25 -28.13 5.34
CA ASN B 65 21.08 -27.02 4.90
C ASN B 65 21.78 -26.41 6.12
N ILE B 66 23.12 -26.52 6.14
CA ILE B 66 23.97 -26.04 7.23
C ILE B 66 24.63 -24.66 6.94
N LYS B 67 24.00 -23.88 6.05
CA LYS B 67 24.43 -22.53 5.71
C LYS B 67 23.36 -21.62 6.27
N PRO B 68 23.62 -20.32 6.58
CA PRO B 68 22.54 -19.46 7.09
C PRO B 68 21.41 -19.41 6.07
N VAL B 69 20.18 -19.77 6.46
CA VAL B 69 19.06 -19.77 5.50
C VAL B 69 17.94 -18.86 5.99
N PRO B 70 17.02 -18.41 5.12
CA PRO B 70 15.85 -17.65 5.62
C PRO B 70 15.11 -18.43 6.72
N GLU B 71 14.50 -17.72 7.67
CA GLU B 71 13.74 -18.35 8.71
C GLU B 71 12.46 -18.91 8.10
N VAL B 72 11.96 -20.05 8.60
CA VAL B 72 10.79 -20.73 8.05
C VAL B 72 9.60 -19.78 7.89
N LYS B 73 9.35 -18.87 8.86
CA LYS B 73 8.29 -17.87 8.72
C LYS B 73 8.41 -17.05 7.44
N ILE B 74 9.62 -16.55 7.07
CA ILE B 74 9.79 -15.78 5.83
C ILE B 74 9.42 -16.67 4.63
N LEU B 75 9.97 -17.90 4.59
CA LEU B 75 9.72 -18.86 3.53
C LEU B 75 8.24 -19.18 3.38
N ASN B 76 7.52 -19.31 4.48
CA ASN B 76 6.10 -19.59 4.47
C ASN B 76 5.33 -18.38 4.00
N ASN B 77 5.67 -17.20 4.54
CA ASN B 77 5.05 -15.94 4.18
C ASN B 77 5.20 -15.61 2.71
N LEU B 78 6.29 -16.08 2.07
CA LEU B 78 6.53 -15.90 0.64
C LEU B 78 5.97 -17.02 -0.21
N GLY B 79 5.18 -17.91 0.34
CA GLY B 79 4.55 -18.99 -0.40
C GLY B 79 5.43 -20.12 -0.90
N VAL B 80 6.61 -20.36 -0.26
CA VAL B 80 7.54 -21.43 -0.65
C VAL B 80 6.95 -22.80 -0.33
N ASP B 81 6.93 -23.68 -1.33
CA ASP B 81 6.37 -25.02 -1.23
C ASP B 81 7.43 -26.09 -1.07
N ILE B 82 8.55 -25.91 -1.74
CA ILE B 82 9.63 -26.90 -1.81
C ILE B 82 10.97 -26.18 -1.98
N ALA B 83 12.08 -26.83 -1.67
CA ALA B 83 13.42 -26.23 -1.84
C ALA B 83 14.13 -26.95 -2.98
N ALA B 84 15.03 -26.23 -3.69
CA ALA B 84 15.77 -26.83 -4.79
C ALA B 84 17.04 -27.48 -4.30
N ASN B 85 17.08 -28.84 -4.31
CA ASN B 85 18.23 -29.65 -3.97
C ASN B 85 18.85 -29.38 -2.60
N THR B 86 18.01 -29.12 -1.61
CA THR B 86 18.38 -28.92 -0.21
C THR B 86 17.20 -29.27 0.70
N VAL B 87 17.45 -29.34 2.03
CA VAL B 87 16.40 -29.54 3.00
C VAL B 87 16.47 -28.38 3.99
N ILE B 88 15.42 -27.54 4.03
CA ILE B 88 15.36 -26.49 5.02
C ILE B 88 14.75 -27.20 6.23
N TRP B 89 15.54 -27.25 7.31
CA TRP B 89 15.11 -27.91 8.52
C TRP B 89 14.42 -26.92 9.40
N ASP B 90 13.25 -27.31 9.87
CA ASP B 90 12.46 -26.48 10.76
C ASP B 90 12.81 -26.88 12.17
N TYR B 91 13.67 -26.11 12.84
CA TYR B 91 14.10 -26.43 14.20
C TYR B 91 13.04 -26.12 15.26
N LYS B 92 12.10 -25.24 14.95
CA LYS B 92 10.99 -24.95 15.86
C LYS B 92 10.03 -26.16 15.90
N ARG B 93 9.95 -26.95 14.81
CA ARG B 93 9.10 -28.12 14.71
C ARG B 93 9.86 -29.44 14.70
N ASP B 94 11.22 -29.43 14.68
CA ASP B 94 12.05 -30.62 14.58
C ASP B 94 11.60 -31.52 13.42
N ALA B 95 11.37 -30.90 12.26
CA ALA B 95 10.88 -31.58 11.07
C ALA B 95 11.25 -30.78 9.85
N PRO B 96 11.27 -31.42 8.65
CA PRO B 96 11.58 -30.65 7.43
C PRO B 96 10.54 -29.55 7.23
N ALA B 97 10.99 -28.36 6.79
CA ALA B 97 10.06 -27.24 6.59
C ALA B 97 9.03 -27.52 5.50
N HIS B 98 9.35 -28.40 4.54
CA HIS B 98 8.51 -28.71 3.38
C HIS B 98 8.31 -30.22 3.26
N ILE B 99 7.13 -30.67 2.76
CA ILE B 99 6.80 -32.11 2.69
C ILE B 99 7.71 -32.94 1.77
N SER B 100 7.88 -32.46 0.52
CA SER B 100 8.63 -33.13 -0.52
C SER B 100 9.98 -32.46 -0.75
N THR B 101 10.87 -33.17 -1.42
CA THR B 101 12.19 -32.67 -1.75
C THR B 101 12.43 -32.73 -3.29
N ILE B 102 13.48 -32.04 -3.76
CA ILE B 102 13.94 -32.06 -5.15
C ILE B 102 15.39 -32.45 -5.06
N GLY B 103 15.72 -33.65 -5.52
CA GLY B 103 17.08 -34.17 -5.52
C GLY B 103 17.76 -34.34 -4.18
N VAL B 104 17.01 -34.77 -3.14
CA VAL B 104 17.57 -34.98 -1.82
C VAL B 104 17.42 -36.44 -1.33
N CYS B 105 16.18 -36.93 -1.21
CA CYS B 105 15.91 -38.25 -0.67
C CYS B 105 15.05 -39.01 -1.65
N SER B 106 15.33 -40.29 -1.89
CA SER B 106 14.54 -41.08 -2.84
C SER B 106 13.10 -41.25 -2.42
N MET B 107 12.83 -41.22 -1.11
CA MET B 107 11.49 -41.39 -0.56
C MET B 107 10.62 -40.14 -0.68
N THR B 108 11.22 -38.96 -0.49
CA THR B 108 10.46 -37.71 -0.51
C THR B 108 10.55 -36.92 -1.81
N ASP B 109 11.46 -37.31 -2.73
CA ASP B 109 11.64 -36.62 -3.98
C ASP B 109 10.46 -36.69 -4.88
N ILE B 110 10.04 -35.54 -5.40
CA ILE B 110 9.02 -35.47 -6.44
C ILE B 110 9.67 -35.33 -7.85
N ALA B 111 10.96 -34.92 -7.88
CA ALA B 111 11.82 -34.69 -9.03
C ALA B 111 13.30 -34.69 -8.56
N LYS B 112 14.23 -34.93 -9.48
CA LYS B 112 15.66 -34.84 -9.20
C LYS B 112 16.17 -33.40 -9.46
N LYS B 113 15.59 -32.71 -10.45
CA LYS B 113 15.95 -31.33 -10.82
C LYS B 113 14.70 -30.42 -10.78
N PRO B 114 14.84 -29.14 -10.37
CA PRO B 114 13.68 -28.25 -10.32
C PRO B 114 13.01 -27.93 -11.66
N THR B 115 13.66 -28.32 -12.77
CA THR B 115 13.17 -28.11 -14.14
C THR B 115 12.13 -29.14 -14.58
N GLU B 116 11.85 -30.17 -13.77
CA GLU B 116 10.86 -31.18 -14.11
C GLU B 116 9.47 -30.58 -13.98
N THR B 117 8.57 -30.89 -14.93
CA THR B 117 7.24 -30.28 -15.02
C THR B 117 6.42 -30.29 -13.72
N ILE B 118 6.74 -31.21 -12.79
CA ILE B 118 6.03 -31.26 -11.52
C ILE B 118 6.33 -30.06 -10.61
N CYS B 119 7.51 -29.47 -10.76
CA CYS B 119 7.93 -28.32 -9.97
C CYS B 119 7.43 -26.99 -10.55
N ALA B 120 6.98 -26.97 -11.81
CA ALA B 120 6.51 -25.76 -12.46
C ALA B 120 5.42 -25.05 -11.67
N PRO B 121 4.35 -25.73 -11.20
CA PRO B 121 3.33 -25.03 -10.40
C PRO B 121 3.73 -24.72 -8.94
N LEU B 122 4.75 -25.38 -8.39
CA LEU B 122 5.17 -25.15 -7.00
C LEU B 122 6.11 -23.97 -6.87
N THR B 123 6.08 -23.27 -5.74
CA THR B 123 7.01 -22.17 -5.53
C THR B 123 8.29 -22.77 -4.97
N VAL B 124 9.30 -22.98 -5.84
CA VAL B 124 10.57 -23.61 -5.48
C VAL B 124 11.54 -22.59 -4.92
N PHE B 125 12.16 -22.90 -3.76
CA PHE B 125 13.13 -21.98 -3.18
C PHE B 125 14.46 -22.23 -3.83
N PHE B 126 15.11 -21.17 -4.28
CA PHE B 126 16.40 -21.22 -4.94
C PHE B 126 17.44 -20.41 -4.14
N ASP B 127 18.63 -20.97 -3.99
CA ASP B 127 19.72 -20.32 -3.26
C ASP B 127 20.78 -19.88 -4.27
N GLY B 128 20.91 -18.57 -4.44
CA GLY B 128 21.85 -17.95 -5.36
C GLY B 128 23.31 -18.19 -5.05
N ARG B 129 23.61 -18.57 -3.82
CA ARG B 129 24.97 -18.92 -3.36
C ARG B 129 25.45 -20.27 -3.94
N VAL B 130 24.52 -21.13 -4.38
CA VAL B 130 24.81 -22.39 -5.04
C VAL B 130 24.93 -22.12 -6.54
N ASP B 131 25.88 -22.79 -7.20
CA ASP B 131 26.10 -22.61 -8.62
C ASP B 131 24.89 -22.98 -9.49
N GLY B 132 24.54 -22.09 -10.41
CA GLY B 132 23.45 -22.29 -11.37
C GLY B 132 22.04 -22.10 -10.86
N GLN B 133 21.86 -21.84 -9.55
CA GLN B 133 20.53 -21.68 -8.99
C GLN B 133 19.86 -20.39 -9.41
N VAL B 134 20.64 -19.33 -9.63
CA VAL B 134 20.07 -18.07 -10.15
C VAL B 134 19.54 -18.30 -11.58
N ASP B 135 20.23 -19.13 -12.38
CA ASP B 135 19.79 -19.50 -13.72
C ASP B 135 18.58 -20.45 -13.67
N LEU B 136 18.50 -21.29 -12.62
CA LEU B 136 17.36 -22.18 -12.42
C LEU B 136 16.12 -21.37 -12.05
N PHE B 137 16.30 -20.27 -11.27
CA PHE B 137 15.23 -19.34 -10.92
C PHE B 137 14.68 -18.67 -12.17
N ARG B 138 15.58 -18.31 -13.09
CA ARG B 138 15.26 -17.68 -14.35
C ARG B 138 14.38 -18.60 -15.18
N ASN B 139 14.70 -19.90 -15.23
CA ASN B 139 13.91 -20.84 -16.01
C ASN B 139 12.63 -21.28 -15.32
N ALA B 140 12.57 -21.19 -13.98
CA ALA B 140 11.42 -21.59 -13.18
C ALA B 140 10.22 -20.66 -13.25
N ARG B 141 9.03 -21.25 -13.40
CA ARG B 141 7.77 -20.51 -13.49
C ARG B 141 7.41 -19.84 -12.16
N ASN B 142 7.38 -20.61 -11.05
CA ASN B 142 7.11 -20.07 -9.72
C ASN B 142 8.29 -20.35 -8.81
N GLY B 143 8.72 -19.35 -8.06
CA GLY B 143 9.82 -19.55 -7.13
C GLY B 143 10.28 -18.32 -6.38
N VAL B 144 11.06 -18.55 -5.32
CA VAL B 144 11.65 -17.49 -4.52
C VAL B 144 13.15 -17.67 -4.62
N LEU B 145 13.89 -16.58 -4.80
CA LEU B 145 15.33 -16.64 -4.91
C LEU B 145 15.97 -15.78 -3.84
N ILE B 146 17.02 -16.29 -3.18
CA ILE B 146 17.79 -15.48 -2.25
C ILE B 146 19.18 -15.33 -2.84
N THR B 147 19.75 -14.13 -2.77
CA THR B 147 21.12 -13.91 -3.24
C THR B 147 21.90 -13.06 -2.25
N GLU B 148 23.21 -13.20 -2.23
CA GLU B 148 24.03 -12.37 -1.34
C GLU B 148 24.26 -10.99 -1.96
N GLY B 149 24.42 -10.95 -3.27
CA GLY B 149 24.65 -9.70 -3.98
C GLY B 149 23.62 -9.34 -5.03
N SER B 150 23.99 -8.36 -5.84
CA SER B 150 23.18 -7.83 -6.91
C SER B 150 22.97 -8.87 -8.02
N VAL B 151 21.76 -8.94 -8.60
CA VAL B 151 21.44 -9.83 -9.71
C VAL B 151 21.09 -8.94 -10.88
N LYS B 152 21.93 -8.93 -11.93
CA LYS B 152 21.76 -8.11 -13.13
C LYS B 152 20.37 -8.29 -13.73
N GLY B 153 19.66 -7.16 -13.90
CA GLY B 153 18.30 -7.08 -14.43
C GLY B 153 17.24 -6.99 -13.35
N LEU B 154 17.21 -8.00 -12.47
CA LEU B 154 16.25 -8.10 -11.37
C LEU B 154 16.40 -7.02 -10.30
N GLN B 155 15.27 -6.50 -9.87
CA GLN B 155 15.22 -5.51 -8.79
C GLN B 155 15.06 -6.21 -7.43
N PRO B 156 15.99 -5.97 -6.48
CA PRO B 156 15.98 -6.70 -5.23
C PRO B 156 14.97 -6.23 -4.19
N SER B 157 14.76 -7.09 -3.21
CA SER B 157 13.97 -6.78 -2.02
C SER B 157 14.94 -7.10 -0.89
N VAL B 158 15.37 -6.10 -0.10
CA VAL B 158 16.33 -6.37 0.98
C VAL B 158 15.58 -7.07 2.10
N GLY B 159 15.99 -8.30 2.40
CA GLY B 159 15.35 -9.10 3.43
C GLY B 159 15.82 -8.73 4.83
N PRO B 160 15.55 -9.61 5.81
CA PRO B 160 15.94 -9.30 7.19
C PRO B 160 17.45 -9.39 7.42
N LYS B 161 17.94 -8.70 8.46
CA LYS B 161 19.38 -8.74 8.81
C LYS B 161 19.77 -10.16 9.30
N GLN B 162 18.82 -10.84 9.96
CA GLN B 162 19.01 -12.17 10.54
C GLN B 162 18.60 -13.35 9.62
N ALA B 163 19.28 -14.48 9.84
CA ALA B 163 19.01 -15.74 9.17
C ALA B 163 19.24 -16.89 10.19
N SER B 164 18.75 -18.09 9.89
CA SER B 164 18.88 -19.25 10.78
C SER B 164 20.09 -20.12 10.40
N LEU B 165 21.13 -20.16 11.24
CA LEU B 165 22.28 -21.02 10.98
C LEU B 165 22.22 -22.21 11.97
N ASN B 166 21.81 -23.40 11.47
CA ASN B 166 21.65 -24.62 12.26
C ASN B 166 20.72 -24.42 13.43
N GLY B 167 19.63 -23.71 13.19
CA GLY B 167 18.66 -23.44 14.24
C GLY B 167 18.96 -22.23 15.09
N VAL B 168 20.15 -21.64 14.95
CA VAL B 168 20.52 -20.46 15.69
C VAL B 168 20.22 -19.26 14.86
N THR B 169 19.17 -18.51 15.20
CA THR B 169 18.87 -17.29 14.44
C THR B 169 19.87 -16.22 14.86
N LEU B 170 20.56 -15.62 13.87
CA LEU B 170 21.61 -14.65 14.17
C LEU B 170 21.78 -13.63 13.04
N ILE B 171 22.38 -12.49 13.37
CA ILE B 171 22.77 -11.47 12.40
C ILE B 171 24.26 -11.74 12.24
N GLY B 172 24.61 -12.22 11.04
CA GLY B 172 25.95 -12.67 10.73
C GLY B 172 27.01 -11.60 10.81
N GLU B 173 28.22 -12.01 11.21
CA GLU B 173 29.41 -11.19 11.31
C GLU B 173 30.50 -11.91 10.50
N ALA B 174 30.65 -13.22 10.69
CA ALA B 174 31.57 -14.02 9.90
C ALA B 174 30.89 -14.65 8.65
N VAL B 175 29.55 -14.55 8.54
CA VAL B 175 28.76 -15.04 7.40
C VAL B 175 27.74 -13.98 6.98
N LYS B 176 27.28 -14.05 5.74
CA LYS B 176 26.25 -13.16 5.24
C LYS B 176 24.92 -13.77 5.65
N THR B 177 24.05 -12.97 6.29
CA THR B 177 22.72 -13.43 6.67
C THR B 177 21.61 -12.56 6.01
N GLN B 178 21.94 -11.30 5.58
CA GLN B 178 20.95 -10.44 4.92
C GLN B 178 20.95 -10.79 3.45
N PHE B 179 19.79 -11.26 2.91
CA PHE B 179 19.72 -11.67 1.52
C PHE B 179 18.83 -10.75 0.70
N ASN B 180 19.07 -10.71 -0.60
CA ASN B 180 18.22 -10.00 -1.53
C ASN B 180 17.17 -11.05 -1.91
N TYR B 181 15.90 -10.68 -1.92
CA TYR B 181 14.83 -11.62 -2.22
C TYR B 181 14.17 -11.32 -3.54
N TYR B 182 13.83 -12.38 -4.26
CA TYR B 182 13.18 -12.27 -5.57
C TYR B 182 12.05 -13.31 -5.61
N LYS B 183 10.98 -13.02 -6.31
CA LYS B 183 9.84 -13.93 -6.36
C LYS B 183 9.23 -13.90 -7.74
N LYS B 184 8.79 -15.05 -8.22
CA LYS B 184 8.19 -15.16 -9.53
C LYS B 184 6.90 -15.91 -9.41
N VAL B 185 5.84 -15.36 -9.99
CA VAL B 185 4.53 -16.00 -10.01
C VAL B 185 4.13 -16.13 -11.46
N ASP B 186 3.85 -17.38 -11.89
CA ASP B 186 3.46 -17.74 -13.25
C ASP B 186 4.35 -17.11 -14.32
N GLY B 187 5.64 -17.13 -14.04
CA GLY B 187 6.69 -16.65 -14.94
C GLY B 187 7.01 -15.18 -14.83
N VAL B 188 6.24 -14.43 -14.04
CA VAL B 188 6.43 -13.00 -13.90
C VAL B 188 7.17 -12.68 -12.63
N VAL B 189 8.26 -11.91 -12.72
CA VAL B 189 8.98 -11.45 -11.53
C VAL B 189 8.07 -10.47 -10.80
N GLN B 190 7.96 -10.62 -9.51
CA GLN B 190 7.07 -9.82 -8.71
C GLN B 190 7.78 -8.69 -8.02
N GLN B 191 7.04 -7.64 -7.75
CA GLN B 191 7.54 -6.54 -6.95
C GLN B 191 7.14 -6.88 -5.51
N LEU B 192 8.10 -7.28 -4.68
CA LEU B 192 7.79 -7.63 -3.30
C LEU B 192 7.43 -6.38 -2.54
N PRO B 193 6.44 -6.47 -1.64
CA PRO B 193 5.99 -5.26 -0.95
C PRO B 193 6.98 -4.65 0.03
N GLU B 194 6.70 -3.40 0.41
CA GLU B 194 7.40 -2.70 1.48
C GLU B 194 6.99 -3.43 2.75
N THR B 195 7.95 -3.93 3.50
CA THR B 195 7.64 -4.72 4.69
C THR B 195 8.50 -4.32 5.86
N TYR B 196 8.01 -4.65 7.04
CA TYR B 196 8.72 -4.53 8.29
C TYR B 196 9.22 -5.93 8.55
N PHE B 197 10.25 -6.07 9.36
CA PHE B 197 10.72 -7.39 9.72
C PHE B 197 10.61 -7.61 11.20
N THR B 198 10.22 -8.82 11.61
CA THR B 198 10.24 -9.17 13.02
C THR B 198 11.74 -9.39 13.36
N GLN B 199 12.13 -9.17 14.60
CA GLN B 199 13.53 -9.25 15.00
C GLN B 199 14.02 -10.64 15.41
N SER B 200 13.12 -11.63 15.57
CA SER B 200 13.40 -13.02 15.92
C SER B 200 14.23 -13.19 17.19
N ARG B 201 13.97 -12.36 18.20
CA ARG B 201 14.69 -12.43 19.46
C ARG B 201 14.05 -13.40 20.46
N ASN B 202 14.86 -13.87 21.43
CA ASN B 202 14.41 -14.76 22.49
C ASN B 202 14.06 -13.93 23.70
N LEU B 203 13.13 -14.43 24.50
CA LEU B 203 12.74 -13.76 25.71
C LEU B 203 13.90 -13.81 26.75
N GLN B 204 14.63 -14.94 26.79
CA GLN B 204 15.75 -15.13 27.73
C GLN B 204 16.95 -14.26 27.37
N GLU B 205 17.36 -14.26 26.08
CA GLU B 205 18.53 -13.51 25.65
C GLU B 205 18.16 -12.30 24.82
N PHE B 206 17.21 -11.50 25.33
CA PHE B 206 16.77 -10.31 24.61
C PHE B 206 17.80 -9.18 24.66
N LYS B 207 18.14 -8.63 23.49
CA LYS B 207 19.08 -7.53 23.41
C LYS B 207 18.51 -6.38 22.59
N PRO B 208 18.55 -5.15 23.15
CA PRO B 208 17.98 -4.00 22.42
C PRO B 208 18.75 -3.61 21.18
N ARG B 209 18.03 -3.36 20.08
CA ARG B 209 18.67 -3.01 18.82
C ARG B 209 18.47 -1.55 18.40
N SER B 210 18.20 -0.65 19.37
CA SER B 210 18.01 0.78 19.09
C SER B 210 18.08 1.62 20.37
N GLN B 211 18.26 2.94 20.26
CA GLN B 211 18.25 3.80 21.45
C GLN B 211 16.90 3.77 22.14
N MET B 212 15.80 3.67 21.38
CA MET B 212 14.46 3.59 21.95
C MET B 212 14.31 2.30 22.75
N GLU B 213 14.82 1.19 22.20
CA GLU B 213 14.77 -0.09 22.89
C GLU B 213 15.66 -0.10 24.12
N ILE B 214 16.80 0.59 24.06
CA ILE B 214 17.74 0.73 25.17
C ILE B 214 17.08 1.58 26.29
N ASP B 215 16.32 2.61 25.91
CA ASP B 215 15.60 3.46 26.85
C ASP B 215 14.35 2.77 27.43
N PHE B 216 13.74 1.83 26.70
CA PHE B 216 12.55 1.11 27.18
C PHE B 216 12.90 0.20 28.32
N LEU B 217 13.99 -0.56 28.17
CA LEU B 217 14.46 -1.49 29.19
C LEU B 217 15.14 -0.78 30.37
N GLU B 218 15.67 0.42 30.15
CA GLU B 218 16.36 1.15 31.20
C GLU B 218 15.46 2.08 32.01
N LEU B 219 14.64 2.89 31.34
CA LEU B 219 13.79 3.86 32.05
C LEU B 219 12.51 3.21 32.62
N ALA B 220 11.80 3.95 33.49
CA ALA B 220 10.54 3.47 34.05
C ALA B 220 9.41 3.82 33.08
N MET B 221 8.25 3.16 33.18
CA MET B 221 7.13 3.35 32.27
C MET B 221 6.74 4.83 32.05
N ASP B 222 6.59 5.59 33.13
CA ASP B 222 6.19 6.99 33.07
C ASP B 222 7.24 7.90 32.41
N GLU B 223 8.53 7.57 32.59
CA GLU B 223 9.64 8.33 32.01
C GLU B 223 9.79 8.04 30.54
N PHE B 224 9.66 6.75 30.16
CA PHE B 224 9.81 6.37 28.76
C PHE B 224 8.67 6.96 27.93
N ILE B 225 7.42 6.79 28.37
CA ILE B 225 6.26 7.32 27.67
C ILE B 225 6.35 8.86 27.53
N GLU B 226 7.02 9.53 28.48
CA GLU B 226 7.21 10.98 28.41
C GLU B 226 8.29 11.34 27.41
N ARG B 227 9.47 10.69 27.49
CA ARG B 227 10.60 10.95 26.60
C ARG B 227 10.24 10.73 25.13
N TYR B 228 9.53 9.65 24.82
CA TYR B 228 9.18 9.35 23.43
C TYR B 228 7.78 9.83 23.02
N LYS B 229 7.16 10.72 23.82
CA LYS B 229 5.88 11.37 23.59
C LYS B 229 4.77 10.38 23.20
N LEU B 230 4.71 9.25 23.89
CA LEU B 230 3.74 8.21 23.60
C LEU B 230 2.47 8.30 24.45
N GLU B 231 2.15 9.48 24.98
CA GLU B 231 0.96 9.66 25.79
C GLU B 231 -0.31 9.51 24.93
N GLY B 232 -1.23 8.67 25.39
CA GLY B 232 -2.47 8.41 24.66
C GLY B 232 -2.39 7.28 23.65
N TYR B 233 -1.26 6.55 23.63
CA TYR B 233 -1.04 5.42 22.74
C TYR B 233 -1.17 4.05 23.40
N ALA B 234 -1.65 4.01 24.66
CA ALA B 234 -1.87 2.79 25.45
C ALA B 234 -0.66 1.88 25.54
N PHE B 235 0.54 2.47 25.62
CA PHE B 235 1.75 1.67 25.75
C PHE B 235 1.77 0.90 27.08
N GLU B 236 1.17 1.49 28.13
CA GLU B 236 1.00 0.91 29.46
C GLU B 236 0.25 -0.43 29.39
N HIS B 237 -0.74 -0.53 28.51
CA HIS B 237 -1.54 -1.73 28.32
C HIS B 237 -0.92 -2.66 27.25
N ILE B 238 -0.67 -2.13 26.03
CA ILE B 238 -0.16 -2.86 24.87
C ILE B 238 1.25 -3.41 25.06
N VAL B 239 2.22 -2.54 25.38
CA VAL B 239 3.61 -2.95 25.46
C VAL B 239 4.01 -3.41 26.85
N TYR B 240 3.68 -2.60 27.87
CA TYR B 240 4.02 -2.86 29.26
C TYR B 240 3.22 -4.00 29.91
N GLY B 241 1.93 -4.09 29.58
CA GLY B 241 1.08 -5.13 30.14
C GLY B 241 0.41 -4.74 31.44
N ASP B 242 -0.89 -5.02 31.55
CA ASP B 242 -1.67 -4.75 32.74
C ASP B 242 -1.83 -6.06 33.51
N PHE B 243 -1.18 -6.17 34.67
CA PHE B 243 -1.26 -7.37 35.48
C PHE B 243 -2.15 -7.20 36.71
N SER B 244 -3.10 -6.25 36.67
CA SER B 244 -3.92 -5.99 37.84
C SER B 244 -5.20 -6.81 37.88
N HIS B 245 -5.68 -7.34 36.75
CA HIS B 245 -6.90 -8.15 36.73
C HIS B 245 -6.64 -9.64 36.41
N SER B 246 -7.65 -10.51 36.53
CA SER B 246 -7.53 -11.94 36.25
C SER B 246 -7.18 -12.25 34.80
N GLN B 247 -7.47 -11.32 33.88
CA GLN B 247 -7.07 -11.46 32.49
C GLN B 247 -5.93 -10.47 32.29
N LEU B 248 -4.75 -10.98 31.89
CA LEU B 248 -3.55 -10.19 31.61
C LEU B 248 -3.87 -9.24 30.47
N GLY B 249 -3.72 -7.96 30.72
CA GLY B 249 -4.02 -6.94 29.74
C GLY B 249 -2.86 -6.68 28.83
N GLY B 250 -3.15 -6.63 27.53
CA GLY B 250 -2.17 -6.35 26.50
C GLY B 250 -1.03 -7.32 26.48
N LEU B 251 0.20 -6.77 26.49
CA LEU B 251 1.47 -7.51 26.45
C LEU B 251 1.64 -8.24 25.09
N HIS B 252 1.67 -7.47 24.02
CA HIS B 252 1.75 -8.04 22.66
C HIS B 252 3.08 -7.85 21.97
N LEU B 253 3.98 -7.06 22.55
CA LEU B 253 5.28 -6.79 21.99
C LEU B 253 6.32 -7.52 22.82
N LEU B 254 7.24 -8.26 22.18
CA LEU B 254 8.26 -9.05 22.89
C LEU B 254 9.18 -8.24 23.80
N ILE B 255 9.51 -6.99 23.45
CA ILE B 255 10.36 -6.16 24.30
C ILE B 255 9.71 -5.91 25.68
N GLY B 256 8.39 -5.79 25.71
CA GLY B 256 7.63 -5.60 26.94
C GLY B 256 7.64 -6.85 27.81
N LEU B 257 7.55 -8.01 27.16
CA LEU B 257 7.62 -9.30 27.84
C LEU B 257 9.02 -9.45 28.43
N ALA B 258 10.06 -9.02 27.69
CA ALA B 258 11.44 -9.12 28.14
C ALA B 258 11.69 -8.20 29.32
N LYS B 259 11.11 -6.98 29.33
CA LYS B 259 11.31 -6.06 30.47
C LYS B 259 10.74 -6.68 31.75
N ARG B 260 9.57 -7.32 31.62
CA ARG B 260 8.85 -8.01 32.68
C ARG B 260 9.68 -9.18 33.17
N PHE B 261 10.15 -10.01 32.25
CA PHE B 261 10.93 -11.20 32.55
C PHE B 261 12.16 -10.99 33.45
N LYS B 262 12.77 -9.79 33.39
CA LYS B 262 13.92 -9.49 34.25
C LYS B 262 13.51 -9.39 35.72
N GLU B 263 12.28 -8.92 35.97
CA GLU B 263 11.74 -8.71 37.31
C GLU B 263 10.96 -9.93 37.80
N SER B 264 9.89 -10.32 37.10
CA SER B 264 9.06 -11.44 37.45
C SER B 264 9.10 -12.48 36.34
N PRO B 265 9.18 -13.77 36.67
CA PRO B 265 9.10 -14.79 35.61
C PRO B 265 7.64 -15.09 35.25
N PHE B 266 7.42 -15.79 34.14
CA PHE B 266 6.06 -16.14 33.71
C PHE B 266 6.05 -17.34 32.78
N GLU B 267 4.93 -18.06 32.76
CA GLU B 267 4.79 -19.21 31.90
C GLU B 267 4.27 -18.76 30.58
N LEU B 268 4.93 -19.17 29.48
CA LEU B 268 4.46 -18.88 28.14
C LEU B 268 4.20 -20.24 27.55
N GLU B 269 2.94 -20.63 27.41
CA GLU B 269 2.62 -21.92 26.82
C GLU B 269 2.42 -21.76 25.32
N ASP B 270 3.40 -22.20 24.54
CA ASP B 270 3.41 -22.15 23.08
C ASP B 270 2.59 -23.34 22.54
N PHE B 271 1.26 -23.19 22.49
CA PHE B 271 0.34 -24.26 22.11
C PHE B 271 0.33 -24.59 20.61
N ILE B 272 0.93 -23.73 19.76
CA ILE B 272 1.08 -24.03 18.34
C ILE B 272 2.58 -23.88 18.05
N PRO B 273 3.41 -24.91 18.34
CA PRO B 273 4.86 -24.74 18.16
C PRO B 273 5.30 -24.76 16.70
N MET B 274 5.53 -23.58 16.16
CA MET B 274 5.97 -23.38 14.79
C MET B 274 6.51 -21.97 14.63
N ASP B 275 7.23 -21.72 13.52
CA ASP B 275 7.80 -20.42 13.29
C ASP B 275 6.73 -19.58 12.69
N SER B 276 6.39 -18.48 13.36
CA SER B 276 5.33 -17.61 12.90
C SER B 276 5.69 -16.14 13.14
N THR B 277 5.20 -15.23 12.27
CA THR B 277 5.46 -13.80 12.42
C THR B 277 4.83 -13.31 13.72
N VAL B 278 3.55 -13.68 13.92
CA VAL B 278 2.84 -13.45 15.17
C VAL B 278 2.76 -14.78 15.90
N LYS B 279 3.21 -14.83 17.15
CA LYS B 279 3.16 -16.07 17.94
C LYS B 279 2.09 -16.00 18.99
N ASN B 280 1.29 -17.07 19.18
CA ASN B 280 0.23 -17.07 20.20
C ASN B 280 0.67 -17.84 21.41
N TYR B 281 0.45 -17.28 22.60
CA TYR B 281 0.88 -17.95 23.84
C TYR B 281 -0.19 -17.96 24.90
N PHE B 282 -0.19 -18.98 25.75
CA PHE B 282 -1.10 -19.03 26.89
C PHE B 282 -0.21 -18.54 28.03
N ILE B 283 -0.33 -17.26 28.38
CA ILE B 283 0.56 -16.69 29.38
C ILE B 283 -0.03 -16.69 30.78
N THR B 284 0.78 -17.02 31.78
CA THR B 284 0.40 -17.03 33.18
C THR B 284 1.49 -16.31 33.94
N ASP B 285 1.20 -15.10 34.42
CA ASP B 285 2.18 -14.32 35.18
C ASP B 285 2.29 -14.94 36.53
N ALA B 286 3.49 -15.32 36.97
CA ALA B 286 3.65 -16.01 38.25
C ALA B 286 3.53 -15.12 39.49
N GLN B 287 3.83 -13.82 39.34
CA GLN B 287 3.81 -12.90 40.47
C GLN B 287 2.40 -12.53 40.89
N THR B 288 1.53 -12.32 39.91
CA THR B 288 0.19 -11.84 40.18
C THR B 288 -0.89 -12.87 39.98
N GLY B 289 -0.69 -13.80 39.04
CA GLY B 289 -1.72 -14.76 38.70
C GLY B 289 -2.59 -14.27 37.56
N SER B 290 -2.19 -13.17 36.91
CA SER B 290 -2.86 -12.61 35.76
C SER B 290 -2.59 -13.56 34.61
N SER B 291 -3.59 -13.87 33.77
CA SER B 291 -3.39 -14.84 32.68
C SER B 291 -4.25 -14.58 31.41
N LYS B 292 -3.79 -15.04 30.23
CA LYS B 292 -4.52 -14.90 28.98
C LYS B 292 -4.35 -16.16 28.15
N CYS B 293 -5.44 -16.78 27.71
CA CYS B 293 -5.38 -18.03 26.95
C CYS B 293 -4.68 -17.84 25.66
N VAL B 294 -5.03 -16.77 24.93
CA VAL B 294 -4.39 -16.46 23.65
C VAL B 294 -3.82 -15.06 23.74
N CYS B 295 -2.50 -14.97 23.84
CA CYS B 295 -1.79 -13.71 23.90
C CYS B 295 -0.90 -13.62 22.67
N SER B 296 -1.35 -12.89 21.65
CA SER B 296 -0.57 -12.74 20.43
C SER B 296 0.64 -11.84 20.71
N VAL B 297 1.84 -12.32 20.36
CA VAL B 297 3.10 -11.65 20.60
C VAL B 297 3.88 -11.54 19.30
N ILE B 298 4.24 -10.32 18.98
CA ILE B 298 5.05 -10.03 17.82
C ILE B 298 6.34 -9.36 18.34
N ASP B 299 7.45 -9.56 17.61
CA ASP B 299 8.71 -8.97 18.00
C ASP B 299 9.14 -7.96 16.97
N LEU B 300 8.54 -6.78 17.00
CA LEU B 300 8.94 -5.71 16.10
C LEU B 300 9.96 -4.88 16.85
N LEU B 301 10.80 -4.14 16.12
CA LEU B 301 11.71 -3.17 16.74
C LEU B 301 10.78 -2.09 17.34
N LEU B 302 11.02 -1.66 18.59
CA LEU B 302 10.13 -0.70 19.23
C LEU B 302 9.92 0.59 18.41
N ASP B 303 10.94 1.00 17.65
CA ASP B 303 10.83 2.15 16.78
C ASP B 303 9.85 1.88 15.64
N ASP B 304 9.83 0.64 15.14
CA ASP B 304 8.93 0.25 14.07
C ASP B 304 7.50 0.13 14.58
N PHE B 305 7.32 -0.41 15.78
CA PHE B 305 6.00 -0.49 16.39
C PHE B 305 5.47 0.89 16.71
N VAL B 306 6.33 1.81 17.15
CA VAL B 306 5.93 3.19 17.44
C VAL B 306 5.50 3.85 16.15
N GLU B 307 6.26 3.68 15.07
CA GLU B 307 5.91 4.21 13.76
C GLU B 307 4.54 3.66 13.28
N ILE B 308 4.30 2.34 13.42
CA ILE B 308 3.03 1.73 13.01
C ILE B 308 1.86 2.34 13.76
N ILE B 309 1.92 2.40 15.10
CA ILE B 309 0.81 2.90 15.89
C ILE B 309 0.61 4.40 15.72
N LYS B 310 1.69 5.19 15.53
CA LYS B 310 1.57 6.64 15.34
C LYS B 310 1.07 7.02 13.95
N SER B 311 1.02 6.07 13.00
CA SER B 311 0.54 6.28 11.63
C SER B 311 -0.92 5.86 11.46
N GLN B 312 -1.68 5.73 12.56
CA GLN B 312 -3.07 5.31 12.49
C GLN B 312 -4.06 6.38 12.80
N ASP B 313 -5.22 6.26 12.19
CA ASP B 313 -6.33 7.18 12.45
C ASP B 313 -6.94 6.71 13.78
N LEU B 314 -7.04 7.61 14.78
CA LEU B 314 -7.58 7.24 16.09
C LEU B 314 -9.03 7.64 16.32
N SER B 315 -9.79 7.89 15.25
CA SER B 315 -11.17 8.34 15.39
C SER B 315 -12.26 7.24 15.39
N VAL B 316 -11.88 5.95 15.20
CA VAL B 316 -12.88 4.88 15.15
C VAL B 316 -12.80 4.00 16.37
N VAL B 317 -13.94 3.51 16.84
CA VAL B 317 -14.00 2.64 18.00
C VAL B 317 -13.28 1.30 17.75
N SER B 318 -13.55 0.65 16.62
CA SER B 318 -12.98 -0.65 16.26
C SER B 318 -12.60 -0.59 14.80
N LYS B 319 -11.40 -1.04 14.47
CA LYS B 319 -10.92 -0.96 13.08
C LYS B 319 -9.84 -2.02 12.86
N VAL B 320 -9.79 -2.65 11.67
CA VAL B 320 -8.75 -3.62 11.36
C VAL B 320 -7.63 -2.86 10.68
N VAL B 321 -6.40 -2.95 11.20
CA VAL B 321 -5.25 -2.27 10.62
C VAL B 321 -4.32 -3.32 10.01
N LYS B 322 -4.21 -3.39 8.68
CA LYS B 322 -3.34 -4.35 8.02
C LYS B 322 -1.91 -3.78 7.87
N VAL B 323 -0.88 -4.51 8.35
CA VAL B 323 0.51 -4.07 8.26
C VAL B 323 1.35 -5.17 7.62
N THR B 324 2.10 -4.85 6.52
CA THR B 324 2.95 -5.86 5.91
C THR B 324 4.21 -6.07 6.78
N ILE B 325 4.37 -7.28 7.30
CA ILE B 325 5.47 -7.71 8.16
C ILE B 325 5.89 -9.07 7.65
N ASP B 326 7.20 -9.26 7.42
CA ASP B 326 7.80 -10.47 6.90
C ASP B 326 7.16 -10.91 5.60
N TYR B 327 6.89 -9.94 4.71
CA TYR B 327 6.24 -10.10 3.40
C TYR B 327 4.76 -10.55 3.47
N THR B 328 4.23 -10.79 4.67
CA THR B 328 2.83 -11.16 4.85
C THR B 328 2.03 -10.02 5.45
N GLU B 329 0.72 -10.00 5.15
CA GLU B 329 -0.14 -8.98 5.70
C GLU B 329 -0.64 -9.44 7.05
N ILE B 330 -0.30 -8.70 8.11
CA ILE B 330 -0.73 -9.03 9.45
C ILE B 330 -1.83 -8.05 9.81
N SER B 331 -3.04 -8.57 10.11
CA SER B 331 -4.15 -7.74 10.54
C SER B 331 -4.04 -7.50 12.03
N PHE B 332 -4.18 -6.26 12.44
CA PHE B 332 -4.14 -5.83 13.84
C PHE B 332 -5.52 -5.30 14.18
N MET B 333 -5.87 -5.30 15.46
CA MET B 333 -7.14 -4.79 15.89
C MET B 333 -6.89 -3.51 16.65
N LEU B 334 -7.36 -2.39 16.13
CA LEU B 334 -7.16 -1.10 16.76
C LEU B 334 -8.45 -0.60 17.35
N TRP B 335 -8.44 -0.43 18.67
CA TRP B 335 -9.55 0.03 19.47
C TRP B 335 -9.25 1.39 20.06
N CYS B 336 -10.09 2.37 19.75
CA CYS B 336 -9.89 3.73 20.24
C CYS B 336 -11.10 4.22 21.03
N LYS B 337 -10.95 5.37 21.69
CA LYS B 337 -11.98 6.05 22.45
C LYS B 337 -11.51 7.48 22.64
N ASP B 338 -12.32 8.48 22.26
CA ASP B 338 -11.99 9.90 22.45
C ASP B 338 -10.60 10.33 21.90
N GLY B 339 -10.24 9.82 20.73
CA GLY B 339 -8.99 10.16 20.07
C GLY B 339 -7.72 9.56 20.63
N HIS B 340 -7.87 8.53 21.45
CA HIS B 340 -6.72 7.86 22.03
C HIS B 340 -6.84 6.35 21.90
N VAL B 341 -5.69 5.66 21.86
CA VAL B 341 -5.68 4.21 21.75
C VAL B 341 -6.14 3.61 23.05
N GLU B 342 -6.94 2.56 22.97
CA GLU B 342 -7.34 1.78 24.12
C GLU B 342 -6.54 0.47 24.05
N THR B 343 -6.53 -0.18 22.88
CA THR B 343 -5.74 -1.36 22.61
C THR B 343 -5.40 -1.46 21.10
N PHE B 344 -4.33 -2.17 20.80
CA PHE B 344 -3.81 -2.43 19.47
C PHE B 344 -3.12 -3.76 19.60
N TYR B 345 -3.58 -4.79 18.86
CA TYR B 345 -3.02 -6.12 19.01
C TYR B 345 -3.10 -6.96 17.74
N PRO B 346 -2.13 -7.85 17.51
CA PRO B 346 -2.20 -8.71 16.32
C PRO B 346 -3.43 -9.61 16.36
N LYS B 347 -4.45 -9.30 15.54
CA LYS B 347 -5.75 -9.99 15.47
C LYS B 347 -5.65 -11.51 15.46
N LEU B 348 -6.25 -12.13 16.51
CA LEU B 348 -6.27 -13.59 16.76
C LEU B 348 -7.44 -14.30 16.01
N GLN B 349 -7.12 -15.44 15.34
CA GLN B 349 -8.02 -16.27 14.53
C GLN B 349 -8.55 -15.54 13.25
C1 CIT C . -35.63 23.37 -11.82
O1 CIT C . -35.22 22.35 -12.52
O2 CIT C . -36.59 24.04 -12.12
C2 CIT C . -34.82 23.68 -10.59
C3 CIT C . -33.83 22.62 -10.06
O7 CIT C . -32.71 22.57 -10.93
C4 CIT C . -33.33 23.07 -8.68
C5 CIT C . -32.72 24.45 -8.64
O3 CIT C . -31.87 24.83 -9.43
O4 CIT C . -33.20 25.19 -7.66
C6 CIT C . -34.45 21.21 -9.97
O5 CIT C . -33.96 20.25 -10.52
O6 CIT C . -35.53 21.17 -9.21
C1 CIT D . -7.63 -9.79 23.05
O1 CIT D . -8.83 -10.02 23.00
O2 CIT D . -6.74 -10.73 23.05
C2 CIT D . -7.04 -8.42 23.07
C3 CIT D . -6.99 -7.65 24.40
O7 CIT D . -7.99 -6.64 24.36
C4 CIT D . -7.25 -8.59 25.59
C5 CIT D . -7.00 -8.03 26.97
O3 CIT D . -7.93 -8.31 27.84
O4 CIT D . -6.00 -7.41 27.25
C6 CIT D . -5.63 -6.97 24.50
O5 CIT D . -4.64 -7.81 24.57
O6 CIT D . -5.49 -5.76 24.49
C4 WJD E . 16.80 -12.22 -14.75
C5 WJD E . 18.05 -12.34 -14.19
C6 WJD E . 18.33 -13.43 -13.37
C7 WJD E . 17.35 -14.38 -13.13
C8 WJD E . 16.08 -14.22 -13.67
N WJD E . 14.48 -12.96 -15.12
C WJD E . 10.82 -14.84 -17.32
O WJD E . 11.26 -14.66 -16.00
C1 WJD E . 12.06 -13.53 -15.79
C2 WJD E . 13.35 -13.89 -15.06
C3 WJD E . 15.80 -13.15 -14.51
O1 WJD E . 13.42 -14.90 -14.44
#